data_1XJM
#
_entry.id   1XJM
#
_cell.length_a   118.438
_cell.length_b   123.776
_cell.length_c   106.241
_cell.angle_alpha   90.00
_cell.angle_beta   103.64
_cell.angle_gamma   90.00
#
_symmetry.space_group_name_H-M   'C 1 2 1'
#
loop_
_entity.id
_entity.type
_entity.pdbx_description
1 polymer 'ribonucleotide reductase, B12-dependent'
2 non-polymer 'MAGNESIUM ION'
3 non-polymer "THYMIDINE-5'-TRIPHOSPHATE"
4 water water
#
_entity_poly.entity_id   1
_entity_poly.type   'polypeptide(L)'
_entity_poly.pdbx_seq_one_letter_code
;MKLSDLISRWIDVEPSKNAQIILRDRYFMKDLDGNYLETKWEDVARRVARVVATAELLNPSYKKNEKLDRIKEWEDIFFR
VLKARLFIPNSPTLFNAGLGVKHDLLWKPIDQMTLEDYEEIYRSRNHLHMLSACFVVPVGDSIEEIFEAVKEYALITKVG
GGVGSNFSELRPKGSFVAGTHGKASGPVSFMHVFNSAISVVKQGSRRRGALMGILNINHPDIEEFIDAKKENTGEAVLNF
FNLSVGFPMDKKEILKLYEEDGELELSHPRSTIRKKVKIRELFRKIATNAWKSGDPGLAFLGEMNKYYPLYPHRKINSTN
PCGEIGLSDYEACNLGSIDVAKFYNNGFVDLEALQELVQIAVRFLDNVIDVNVFPIDKITKAVKESRRLGLGIMGFADLL
YKLEIPYNSQEARDFAANLMAFIALHAHRTSYELGKEKGNFPLLEISRYRTEDNFVPFAMGMSNYDDEIREVMKMTKEFR
RNVALLTIAPTGSISNIADTSSGLEPNFLLAYTRFVTKEDGTKEPLLYVNQVLREKLNPEILKRIEKELIEKGSLKDIPD
VPEKIKKVFVVALDIDPMDHLLMQDAFQRYVDNNISKTINMPQSATVDDVLNVYLEALRTNVRGITVYRDGSLQTQVLTK
ALKT
;
_entity_poly.pdbx_strand_id   A,B
#
# COMPACT_ATOMS: atom_id res chain seq x y z
N MET A 1 4.55 49.09 22.47
CA MET A 1 3.07 48.96 22.47
C MET A 1 2.75 47.61 23.10
N LYS A 2 1.75 47.58 23.98
CA LYS A 2 1.28 46.33 24.56
C LYS A 2 0.61 45.52 23.47
N LEU A 3 0.70 44.19 23.56
CA LEU A 3 0.00 43.29 22.65
C LEU A 3 -1.50 43.57 22.54
N SER A 4 -2.14 43.80 23.69
CA SER A 4 -3.56 44.17 23.74
C SER A 4 -3.89 45.36 22.84
N ASP A 5 -2.99 46.34 22.76
CA ASP A 5 -3.20 47.47 21.89
C ASP A 5 -3.07 47.10 20.44
N LEU A 6 -2.04 46.31 20.11
CA LEU A 6 -1.85 45.88 18.73
C LEU A 6 -3.02 45.00 18.28
N ILE A 7 -3.49 44.12 19.19
CA ILE A 7 -4.68 43.27 18.94
C ILE A 7 -5.88 44.13 18.51
N SER A 8 -6.16 45.19 19.27
CA SER A 8 -7.21 46.18 18.93
C SER A 8 -7.10 46.80 17.53
N ARG A 9 -5.87 47.00 17.04
CA ARG A 9 -5.64 47.56 15.69
C ARG A 9 -5.99 46.61 14.55
N TRP A 10 -6.01 45.31 14.85
CA TRP A 10 -6.16 44.27 13.83
C TRP A 10 -7.42 43.42 13.96
N ILE A 11 -7.92 43.33 15.20
CA ILE A 11 -8.96 42.37 15.51
C ILE A 11 -10.24 42.56 14.69
N ASP A 12 -10.53 43.81 14.33
CA ASP A 12 -11.71 44.05 13.49
C ASP A 12 -11.40 44.26 12.02
N VAL A 13 -10.13 44.05 11.64
CA VAL A 13 -9.76 44.07 10.24
C VAL A 13 -10.05 42.71 9.65
N GLU A 14 -10.88 42.70 8.62
CA GLU A 14 -11.42 41.48 8.07
C GLU A 14 -10.53 40.91 6.96
N PRO A 15 -10.53 39.57 6.84
CA PRO A 15 -9.69 39.06 5.77
C PRO A 15 -10.20 39.65 4.45
N SER A 16 -9.29 39.88 3.51
CA SER A 16 -9.62 40.30 2.18
C SER A 16 -10.49 39.27 1.46
N LYS A 17 -11.14 39.69 0.37
CA LYS A 17 -11.94 38.80 -0.46
C LYS A 17 -11.18 37.56 -0.95
N ASN A 18 -9.90 37.74 -1.30
CA ASN A 18 -9.01 36.65 -1.69
C ASN A 18 -8.88 35.57 -0.59
N ALA A 19 -8.46 35.99 0.60
CA ALA A 19 -8.44 35.11 1.78
C ALA A 19 -9.81 34.45 2.05
N GLN A 20 -10.91 35.18 1.86
CA GLN A 20 -12.24 34.64 2.23
C GLN A 20 -12.61 33.45 1.36
N ILE A 21 -12.14 33.47 0.12
CA ILE A 21 -12.39 32.41 -0.84
C ILE A 21 -11.73 31.12 -0.35
N ILE A 22 -10.45 31.24 0.02
CA ILE A 22 -9.63 30.16 0.56
C ILE A 22 -10.28 29.61 1.82
N LEU A 23 -10.79 30.49 2.67
CA LEU A 23 -11.43 30.06 3.91
C LEU A 23 -12.71 29.29 3.64
N ARG A 24 -13.57 29.84 2.79
CA ARG A 24 -14.80 29.17 2.34
C ARG A 24 -14.48 27.81 1.72
N ASP A 25 -13.48 27.81 0.85
CA ASP A 25 -12.98 26.65 0.08
C ASP A 25 -12.59 25.46 0.97
N ARG A 26 -11.72 25.69 1.96
CA ARG A 26 -11.13 24.57 2.68
C ARG A 26 -11.16 24.64 4.20
N TYR A 27 -11.39 25.83 4.77
CA TYR A 27 -11.20 26.01 6.22
C TYR A 27 -12.47 26.01 7.05
N PHE A 28 -13.53 26.66 6.56
CA PHE A 28 -14.80 26.75 7.28
C PHE A 28 -15.39 25.37 7.47
N MET A 29 -15.71 25.01 8.71
CA MET A 29 -16.25 23.69 8.98
C MET A 29 -17.62 23.50 8.33
N LYS A 30 -17.91 22.28 7.87
CA LYS A 30 -19.20 21.92 7.30
C LYS A 30 -19.73 20.66 7.99
N ASP A 31 -21.05 20.49 7.96
CA ASP A 31 -21.64 19.24 8.45
C ASP A 31 -21.68 18.16 7.37
N LEU A 32 -22.02 16.94 7.80
CA LEU A 32 -22.23 15.77 6.95
C LEU A 32 -22.99 16.11 5.66
N ASP A 33 -23.95 17.03 5.79
CA ASP A 33 -24.81 17.47 4.66
C ASP A 33 -24.09 18.40 3.67
N GLY A 34 -23.03 19.06 4.13
CA GLY A 34 -22.29 20.02 3.29
C GLY A 34 -22.68 21.47 3.54
N ASN A 35 -23.51 21.71 4.57
CA ASN A 35 -23.85 23.07 5.01
C ASN A 35 -22.68 23.65 5.82
N TYR A 36 -22.47 24.96 5.72
CA TYR A 36 -21.47 25.64 6.52
C TYR A 36 -21.87 25.72 8.00
N LEU A 37 -20.96 25.28 8.88
CA LEU A 37 -21.04 25.53 10.33
C LEU A 37 -20.33 26.84 10.72
N GLU A 38 -19.47 27.30 9.82
CA GLU A 38 -18.65 28.48 10.01
C GLU A 38 -18.75 29.31 8.73
N THR A 39 -18.91 30.63 8.87
CA THR A 39 -19.06 31.47 7.69
C THR A 39 -18.10 32.66 7.78
N LYS A 40 -17.34 32.70 8.88
CA LYS A 40 -16.52 33.86 9.18
C LYS A 40 -15.22 33.36 9.86
N TRP A 41 -14.09 33.95 9.47
CA TRP A 41 -12.81 33.63 10.10
C TRP A 41 -12.92 33.55 11.61
N GLU A 42 -13.62 34.52 12.20
CA GLU A 42 -13.95 34.57 13.60
C GLU A 42 -14.47 33.23 14.16
N ASP A 43 -15.25 32.51 13.36
CA ASP A 43 -15.83 31.25 13.81
C ASP A 43 -14.75 30.17 13.90
N VAL A 44 -13.83 30.15 12.92
CA VAL A 44 -12.63 29.31 12.96
C VAL A 44 -11.80 29.62 14.19
N ALA A 45 -11.54 30.91 14.44
CA ALA A 45 -10.71 31.34 15.58
C ALA A 45 -11.33 30.94 16.90
N ARG A 46 -12.64 31.12 17.02
CA ARG A 46 -13.44 30.69 18.19
C ARG A 46 -13.24 29.23 18.49
N ARG A 47 -13.50 28.39 17.47
CA ARG A 47 -13.35 26.92 17.59
C ARG A 47 -11.92 26.47 17.94
N VAL A 48 -10.95 27.02 17.22
CA VAL A 48 -9.57 26.60 17.38
C VAL A 48 -9.09 27.02 18.77
N ALA A 49 -9.34 28.29 19.11
CA ALA A 49 -8.96 28.81 20.44
C ALA A 49 -9.52 27.98 21.60
N ARG A 50 -10.82 27.68 21.54
CA ARG A 50 -11.50 26.84 22.53
C ARG A 50 -10.88 25.45 22.67
N VAL A 51 -10.61 24.77 21.54
CA VAL A 51 -10.05 23.42 21.58
C VAL A 51 -8.67 23.42 22.19
N VAL A 52 -7.84 24.38 21.83
CA VAL A 52 -6.44 24.36 22.29
C VAL A 52 -6.32 24.83 23.76
N ALA A 53 -7.19 25.76 24.14
CA ALA A 53 -7.26 26.25 25.53
C ALA A 53 -7.65 25.09 26.46
N THR A 54 -8.53 24.20 25.96
CA THR A 54 -8.95 22.97 26.64
C THR A 54 -7.77 22.14 27.21
N ALA A 55 -6.60 22.17 26.57
CA ALA A 55 -5.40 21.51 27.14
C ALA A 55 -5.03 21.98 28.56
N GLU A 56 -5.53 23.16 28.95
CA GLU A 56 -5.27 23.68 30.30
C GLU A 56 -5.98 22.87 31.44
N LEU A 57 -6.96 22.03 31.07
CA LEU A 57 -7.45 20.96 31.92
C LEU A 57 -6.30 20.13 32.51
N LEU A 58 -5.24 19.91 31.75
CA LEU A 58 -4.18 19.01 32.18
C LEU A 58 -3.16 19.69 33.05
N ASN A 59 -3.26 21.01 33.18
CA ASN A 59 -2.24 21.85 33.85
C ASN A 59 -2.19 21.53 35.35
N PRO A 60 -1.08 20.92 35.81
CA PRO A 60 -1.00 20.50 37.21
C PRO A 60 -0.84 21.68 38.19
N SER A 61 -0.52 22.85 37.68
CA SER A 61 -0.35 24.02 38.53
C SER A 61 -1.67 24.68 38.90
N TYR A 62 -2.75 24.27 38.25
CA TYR A 62 -4.05 24.86 38.55
C TYR A 62 -4.85 24.05 39.58
N LYS A 63 -5.46 24.80 40.49
CA LYS A 63 -6.41 24.28 41.48
C LYS A 63 -7.79 24.24 40.85
N LYS A 64 -8.60 23.24 41.16
CA LYS A 64 -9.95 23.14 40.57
C LYS A 64 -10.75 24.41 40.79
N ASN A 65 -10.57 25.02 41.96
CA ASN A 65 -11.22 26.30 42.29
C ASN A 65 -10.85 27.48 41.39
N GLU A 66 -10.04 27.20 40.36
CA GLU A 66 -9.34 28.21 39.55
C GLU A 66 -9.35 27.86 38.05
N LYS A 67 -9.49 26.56 37.76
CA LYS A 67 -9.38 25.98 36.41
C LYS A 67 -10.24 26.65 35.34
N LEU A 68 -11.55 26.75 35.56
CA LEU A 68 -12.42 27.38 34.56
C LEU A 68 -12.09 28.85 34.24
N ASP A 69 -11.60 29.57 35.26
CA ASP A 69 -11.12 30.95 35.14
C ASP A 69 -9.98 31.01 34.13
N ARG A 70 -8.95 30.21 34.41
CA ARG A 70 -7.77 30.13 33.61
C ARG A 70 -8.02 29.66 32.19
N ILE A 71 -8.74 28.54 32.03
CA ILE A 71 -9.02 28.03 30.70
C ILE A 71 -9.66 29.13 29.88
N LYS A 72 -10.59 29.87 30.48
CA LYS A 72 -11.34 30.91 29.78
C LYS A 72 -10.45 32.10 29.41
N GLU A 73 -9.42 32.34 30.21
CA GLU A 73 -8.49 33.40 29.96
C GLU A 73 -7.60 33.07 28.78
N TRP A 74 -7.03 31.85 28.76
CA TRP A 74 -6.32 31.33 27.59
C TRP A 74 -7.21 31.27 26.36
N GLU A 75 -8.45 30.82 26.47
CA GLU A 75 -9.30 30.79 25.30
C GLU A 75 -9.43 32.17 24.66
N ASP A 76 -9.57 33.21 25.49
CA ASP A 76 -9.81 34.57 24.99
C ASP A 76 -8.55 35.19 24.37
N ILE A 77 -7.37 34.99 24.98
CA ILE A 77 -6.14 35.46 24.39
C ILE A 77 -5.80 34.69 23.07
N PHE A 78 -5.93 33.36 23.08
CA PHE A 78 -5.75 32.59 21.85
C PHE A 78 -6.74 33.08 20.80
N PHE A 79 -7.98 33.33 21.23
CA PHE A 79 -9.02 33.77 20.30
C PHE A 79 -8.67 35.14 19.69
N ARG A 80 -8.20 36.05 20.54
CA ARG A 80 -7.91 37.41 20.13
C ARG A 80 -6.75 37.46 19.16
N VAL A 81 -5.66 36.72 19.44
CA VAL A 81 -4.48 36.62 18.54
C VAL A 81 -4.76 35.93 17.17
N LEU A 82 -5.54 34.84 17.18
CA LEU A 82 -5.99 34.23 15.92
C LEU A 82 -6.93 35.10 15.10
N LYS A 83 -7.91 35.75 15.75
CA LYS A 83 -8.86 36.63 15.04
C LYS A 83 -8.15 37.84 14.42
N ALA A 84 -7.23 38.44 15.17
CA ALA A 84 -6.43 39.58 14.69
C ALA A 84 -5.46 39.15 13.56
N ARG A 85 -5.20 37.83 13.50
CA ARG A 85 -4.38 37.16 12.49
C ARG A 85 -2.92 37.55 12.72
N LEU A 86 -2.54 37.59 13.99
CA LEU A 86 -1.17 37.94 14.39
C LEU A 86 -0.31 36.70 14.49
N PHE A 87 -0.99 35.59 14.77
CA PHE A 87 -0.40 34.28 14.84
C PHE A 87 -1.43 33.32 14.25
N ILE A 88 -0.99 32.41 13.38
CA ILE A 88 -1.88 31.38 12.83
C ILE A 88 -1.14 30.04 12.87
N PRO A 89 -1.74 29.00 13.50
CA PRO A 89 -1.08 27.67 13.46
C PRO A 89 -1.19 27.00 12.08
N ASN A 90 -0.39 25.96 11.85
CA ASN A 90 -0.46 25.18 10.62
C ASN A 90 -1.86 24.68 10.31
N SER A 91 -2.17 24.61 9.01
CA SER A 91 -3.50 24.25 8.51
C SER A 91 -4.24 23.11 9.20
N PRO A 92 -3.56 21.97 9.47
CA PRO A 92 -4.30 20.87 10.09
C PRO A 92 -4.98 21.27 11.38
N THR A 93 -4.40 22.20 12.14
CA THR A 93 -4.99 22.74 13.36
C THR A 93 -6.29 23.43 13.06
N LEU A 94 -6.33 24.17 11.96
CA LEU A 94 -7.52 24.94 11.61
C LEU A 94 -8.58 24.06 10.95
N PHE A 95 -8.16 23.04 10.23
CA PHE A 95 -9.08 22.05 9.67
C PHE A 95 -9.73 21.16 10.73
N ASN A 96 -8.94 20.68 11.68
CA ASN A 96 -9.32 19.50 12.47
C ASN A 96 -9.63 19.75 13.95
N ALA A 97 -9.32 20.95 14.44
CA ALA A 97 -9.67 21.29 15.80
C ALA A 97 -11.19 21.09 15.97
N GLY A 98 -11.57 20.30 16.95
CA GLY A 98 -12.99 20.13 17.32
C GLY A 98 -13.76 19.08 16.52
N LEU A 99 -13.03 18.22 15.81
CA LEU A 99 -13.64 17.12 15.09
C LEU A 99 -13.95 16.08 16.15
N GLY A 100 -15.20 15.61 16.17
CA GLY A 100 -15.69 14.68 17.20
C GLY A 100 -16.55 15.36 18.25
N VAL A 101 -16.42 16.67 18.36
CA VAL A 101 -17.05 17.43 19.43
C VAL A 101 -18.39 17.93 18.98
N LYS A 102 -19.38 17.82 19.86
CA LYS A 102 -20.73 18.32 19.61
C LYS A 102 -20.67 19.78 19.15
N HIS A 103 -21.42 20.09 18.10
CA HIS A 103 -21.40 21.42 17.49
C HIS A 103 -21.97 22.50 18.39
N ASP A 104 -22.65 22.07 19.46
CA ASP A 104 -23.17 23.03 20.43
C ASP A 104 -22.08 23.60 21.33
N LEU A 105 -20.96 22.88 21.44
CA LEU A 105 -19.89 23.35 22.36
C LEU A 105 -18.80 24.20 21.70
N LEU A 106 -18.64 24.08 20.39
CA LEU A 106 -17.48 24.69 19.72
C LEU A 106 -17.57 26.22 19.50
N TRP A 107 -18.78 26.72 19.35
CA TRP A 107 -19.00 28.13 18.99
C TRP A 107 -19.80 28.93 19.99
N LYS A 108 -20.28 28.29 21.05
CA LYS A 108 -21.11 29.02 22.00
C LYS A 108 -20.27 30.04 22.78
N PRO A 109 -20.91 31.15 23.21
CA PRO A 109 -20.22 32.22 23.93
C PRO A 109 -19.43 31.71 25.14
N ILE A 110 -18.19 32.14 25.26
CA ILE A 110 -17.30 31.67 26.31
C ILE A 110 -17.88 31.84 27.73
N ASP A 111 -18.68 32.89 27.92
CA ASP A 111 -19.25 33.23 29.22
C ASP A 111 -20.17 32.09 29.68
N GLN A 112 -20.78 31.43 28.68
CA GLN A 112 -21.64 30.25 28.85
C GLN A 112 -20.86 28.96 29.12
N MET A 113 -19.53 28.98 28.98
CA MET A 113 -18.79 27.72 29.13
C MET A 113 -18.68 27.29 30.59
N THR A 114 -18.87 25.99 30.83
CA THR A 114 -18.69 25.39 32.15
C THR A 114 -17.45 24.50 32.15
N LEU A 115 -16.98 24.07 33.32
CA LEU A 115 -15.87 23.13 33.39
C LEU A 115 -16.23 21.81 32.72
N GLU A 116 -17.50 21.46 32.77
CA GLU A 116 -17.92 20.17 32.23
C GLU A 116 -17.99 20.26 30.71
N ASP A 117 -18.21 21.48 30.19
CA ASP A 117 -18.15 21.75 28.76
C ASP A 117 -16.73 21.57 28.19
N TYR A 118 -15.73 22.11 28.89
CA TYR A 118 -14.36 21.92 28.50
C TYR A 118 -13.96 20.46 28.61
N GLU A 119 -14.41 19.78 29.65
CA GLU A 119 -14.10 18.35 29.79
C GLU A 119 -14.73 17.49 28.69
N GLU A 120 -15.91 17.88 28.24
CA GLU A 120 -16.57 17.13 27.18
C GLU A 120 -15.82 17.28 25.86
N ILE A 121 -15.34 18.50 25.57
CA ILE A 121 -14.48 18.78 24.40
C ILE A 121 -13.25 17.88 24.46
N TYR A 122 -12.58 17.86 25.59
CA TYR A 122 -11.41 17.00 25.74
C TYR A 122 -11.76 15.54 25.40
N ARG A 123 -12.82 15.03 26.01
CA ARG A 123 -13.29 13.67 25.84
C ARG A 123 -13.61 13.27 24.40
N SER A 124 -14.23 14.17 23.65
CA SER A 124 -14.91 13.76 22.43
C SER A 124 -14.09 14.01 21.17
N ARG A 125 -12.80 14.26 21.34
CA ARG A 125 -11.91 14.46 20.20
C ARG A 125 -11.76 13.13 19.49
N ASN A 126 -12.19 13.06 18.23
CA ASN A 126 -12.13 11.79 17.49
C ASN A 126 -10.75 11.48 16.87
N HIS A 127 -10.68 10.35 16.18
CA HIS A 127 -9.43 9.83 15.63
C HIS A 127 -8.94 10.65 14.41
N LEU A 128 -9.77 11.61 14.01
CA LEU A 128 -9.46 12.54 12.94
C LEU A 128 -8.91 13.87 13.48
N HIS A 129 -8.89 14.02 14.80
CA HIS A 129 -8.54 15.28 15.47
C HIS A 129 -7.02 15.48 15.40
N MET A 130 -6.49 15.48 14.19
CA MET A 130 -5.06 15.51 13.96
C MET A 130 -4.65 16.92 13.55
N LEU A 131 -3.81 17.53 14.37
CA LEU A 131 -3.53 18.97 14.35
C LEU A 131 -2.09 19.36 13.93
N SER A 132 -1.25 18.37 13.59
CA SER A 132 0.16 18.57 13.19
C SER A 132 0.43 18.30 11.72
N ALA A 133 1.34 19.11 11.14
CA ALA A 133 1.61 19.08 9.69
C ALA A 133 2.66 18.02 9.32
N CYS A 134 3.66 17.86 10.20
CA CYS A 134 4.96 17.26 9.85
C CYS A 134 5.21 15.89 10.50
N PHE A 135 5.66 14.91 9.70
CA PHE A 135 5.84 13.53 10.13
C PHE A 135 7.04 12.89 9.47
N VAL A 136 7.72 12.00 10.19
CA VAL A 136 8.71 11.11 9.59
C VAL A 136 8.43 9.67 10.04
N VAL A 137 8.44 8.71 9.13
CA VAL A 137 8.39 7.32 9.54
C VAL A 137 9.59 6.61 8.91
N PRO A 138 10.19 5.62 9.61
CA PRO A 138 11.23 4.76 8.98
C PRO A 138 10.69 3.83 7.93
N VAL A 139 11.57 3.38 7.05
CA VAL A 139 11.23 2.39 6.08
C VAL A 139 12.35 1.34 6.10
N GLY A 140 12.16 0.29 6.90
CA GLY A 140 13.20 -0.71 7.16
C GLY A 140 13.37 -1.73 6.04
N ASP A 141 14.51 -2.45 6.01
CA ASP A 141 14.85 -3.34 4.86
C ASP A 141 14.13 -4.69 4.85
N SER A 142 12.79 -4.67 4.80
CA SER A 142 12.02 -5.91 4.69
C SER A 142 10.67 -5.66 4.05
N ILE A 143 10.13 -6.67 3.36
CA ILE A 143 8.80 -6.52 2.77
C ILE A 143 7.77 -6.08 3.84
N GLU A 144 7.83 -6.67 5.04
CA GLU A 144 6.92 -6.37 6.14
C GLU A 144 7.01 -4.91 6.61
N GLU A 145 8.23 -4.39 6.78
CA GLU A 145 8.42 -2.99 7.17
C GLU A 145 8.10 -1.95 6.07
N ILE A 146 8.37 -2.31 4.80
CA ILE A 146 8.05 -1.43 3.70
C ILE A 146 6.54 -1.21 3.60
N PHE A 147 5.77 -2.31 3.74
CA PHE A 147 4.32 -2.21 3.54
C PHE A 147 3.58 -1.72 4.78
N GLU A 148 4.17 -1.92 5.95
CA GLU A 148 3.70 -1.25 7.15
C GLU A 148 3.87 0.29 7.02
N ALA A 149 4.95 0.73 6.38
CA ALA A 149 5.23 2.13 6.11
C ALA A 149 4.33 2.72 5.02
N VAL A 150 4.05 1.96 3.96
CA VAL A 150 3.07 2.37 2.97
C VAL A 150 1.70 2.58 3.64
N LYS A 151 1.29 1.63 4.49
CA LYS A 151 0.06 1.81 5.30
C LYS A 151 0.11 3.08 6.15
N GLU A 152 1.25 3.33 6.80
CA GLU A 152 1.44 4.53 7.61
C GLU A 152 1.37 5.80 6.80
N TYR A 153 1.95 5.78 5.60
CA TYR A 153 1.79 6.91 4.70
C TYR A 153 0.31 7.14 4.44
N ALA A 154 -0.43 6.08 4.10
CA ALA A 154 -1.87 6.22 3.85
C ALA A 154 -2.63 6.81 5.06
N LEU A 155 -2.43 6.24 6.24
CA LEU A 155 -3.10 6.70 7.45
C LEU A 155 -2.81 8.16 7.81
N ILE A 156 -1.53 8.55 7.70
CA ILE A 156 -1.08 9.91 8.02
C ILE A 156 -1.64 10.91 7.03
N THR A 157 -1.60 10.54 5.75
CA THR A 157 -2.23 11.35 4.70
C THR A 157 -3.74 11.51 4.89
N LYS A 158 -4.41 10.44 5.31
CA LYS A 158 -5.85 10.54 5.50
C LYS A 158 -6.14 11.74 6.42
N VAL A 159 -5.49 11.75 7.59
CA VAL A 159 -5.75 12.73 8.63
C VAL A 159 -5.13 14.14 8.37
N GLY A 160 -4.42 14.29 7.26
CA GLY A 160 -3.96 15.60 6.81
C GLY A 160 -2.50 15.89 7.09
N GLY A 161 -1.69 14.90 7.45
CA GLY A 161 -0.28 15.13 7.66
C GLY A 161 0.55 15.03 6.39
N GLY A 162 1.75 15.61 6.43
CA GLY A 162 2.77 15.37 5.42
C GLY A 162 3.96 14.56 5.96
N VAL A 163 4.35 13.51 5.27
CA VAL A 163 5.29 12.55 5.79
C VAL A 163 6.53 12.44 4.92
N GLY A 164 7.67 12.21 5.55
CA GLY A 164 8.89 11.90 4.82
C GLY A 164 9.58 10.64 5.29
N SER A 165 10.37 10.01 4.41
CA SER A 165 11.31 8.99 4.85
C SER A 165 12.66 9.10 4.18
N ASN A 166 13.67 8.67 4.92
CA ASN A 166 14.92 8.26 4.32
C ASN A 166 14.79 6.79 3.90
N PHE A 167 15.08 6.48 2.66
CA PHE A 167 14.88 5.14 2.18
C PHE A 167 16.15 4.32 2.11
N SER A 168 17.22 4.81 2.73
CA SER A 168 18.55 4.28 2.53
C SER A 168 18.72 2.92 3.17
N GLU A 169 17.79 2.52 4.07
CA GLU A 169 17.87 1.19 4.70
C GLU A 169 17.64 0.08 3.66
N LEU A 170 16.87 0.38 2.62
CA LEU A 170 16.55 -0.57 1.58
C LEU A 170 17.77 -0.93 0.70
N ARG A 171 18.05 -2.24 0.63
CA ARG A 171 19.25 -2.75 -0.04
C ARG A 171 19.16 -2.40 -1.49
N PRO A 172 20.30 -2.06 -2.12
CA PRO A 172 20.32 -1.63 -3.52
C PRO A 172 19.67 -2.60 -4.48
N LYS A 173 19.27 -2.08 -5.63
CA LYS A 173 18.72 -2.89 -6.72
C LYS A 173 19.71 -3.99 -7.04
N GLY A 174 19.18 -5.19 -7.27
CA GLY A 174 19.98 -6.33 -7.70
C GLY A 174 20.67 -7.07 -6.58
N SER A 175 20.50 -6.61 -5.34
CA SER A 175 21.21 -7.26 -4.25
C SER A 175 20.47 -8.54 -3.77
N PHE A 176 21.20 -9.39 -3.04
CA PHE A 176 20.69 -10.71 -2.67
C PHE A 176 19.55 -10.68 -1.62
N VAL A 177 18.41 -11.25 -1.99
CA VAL A 177 17.30 -11.51 -1.08
C VAL A 177 17.32 -13.02 -0.73
N ALA A 178 17.44 -13.31 0.56
CA ALA A 178 17.56 -14.70 1.04
C ALA A 178 16.30 -15.51 0.77
N GLY A 179 15.15 -14.95 1.10
CA GLY A 179 13.87 -15.64 1.00
C GLY A 179 13.50 -16.11 -0.38
N THR A 180 14.09 -15.49 -1.37
CA THR A 180 13.54 -15.56 -2.71
C THR A 180 14.51 -16.21 -3.70
N HIS A 181 15.74 -16.45 -3.25
CA HIS A 181 16.90 -16.70 -4.13
C HIS A 181 16.80 -15.79 -5.36
N GLY A 182 16.24 -14.62 -5.10
CA GLY A 182 15.98 -13.63 -6.14
C GLY A 182 16.78 -12.40 -5.84
N LYS A 183 16.34 -11.28 -6.41
CA LYS A 183 17.09 -10.04 -6.37
C LYS A 183 16.23 -8.84 -5.92
N ALA A 184 16.77 -7.98 -5.06
CA ALA A 184 15.99 -6.82 -4.57
C ALA A 184 15.68 -5.77 -5.64
N SER A 185 14.44 -5.26 -5.60
CA SER A 185 14.06 -4.10 -6.45
C SER A 185 14.86 -2.84 -6.13
N GLY A 186 15.22 -2.63 -4.86
CA GLY A 186 15.89 -1.40 -4.47
C GLY A 186 14.92 -0.27 -4.11
N PRO A 187 15.43 0.82 -3.46
CA PRO A 187 14.53 1.90 -2.95
C PRO A 187 13.67 2.63 -4.00
N VAL A 188 14.21 2.96 -5.16
CA VAL A 188 13.53 3.82 -6.11
C VAL A 188 12.26 3.09 -6.62
N SER A 189 12.41 1.81 -6.92
CA SER A 189 11.29 0.98 -7.29
C SER A 189 10.24 0.80 -6.17
N PHE A 190 10.65 0.79 -4.90
CA PHE A 190 9.66 0.78 -3.78
C PHE A 190 8.99 2.12 -3.52
N MET A 191 9.69 3.19 -3.80
CA MET A 191 9.11 4.54 -3.74
C MET A 191 7.92 4.78 -4.69
N HIS A 192 7.86 4.08 -5.83
CA HIS A 192 6.69 4.09 -6.72
C HIS A 192 5.42 3.53 -6.07
N VAL A 193 5.58 2.56 -5.18
CA VAL A 193 4.46 2.00 -4.45
C VAL A 193 3.89 3.05 -3.47
N PHE A 194 4.76 3.67 -2.67
CA PHE A 194 4.39 4.83 -1.84
C PHE A 194 3.77 5.97 -2.66
N ASN A 195 4.32 6.25 -3.83
CA ASN A 195 3.72 7.20 -4.78
C ASN A 195 2.29 6.87 -5.29
N SER A 196 2.11 5.64 -5.80
CA SER A 196 0.79 5.04 -6.12
C SER A 196 -0.22 5.01 -4.99
N ALA A 197 0.23 4.66 -3.79
CA ALA A 197 -0.63 4.70 -2.61
C ALA A 197 -1.24 6.08 -2.38
N ILE A 198 -0.36 7.07 -2.31
CA ILE A 198 -0.72 8.42 -1.96
C ILE A 198 -1.54 9.08 -3.06
N SER A 199 -1.22 8.81 -4.31
CA SER A 199 -1.94 9.42 -5.43
C SER A 199 -3.40 8.98 -5.53
N VAL A 200 -3.76 7.98 -4.72
CA VAL A 200 -5.11 7.45 -4.59
C VAL A 200 -5.73 7.93 -3.27
N VAL A 201 -4.93 8.30 -2.28
CA VAL A 201 -5.49 8.94 -1.07
C VAL A 201 -5.66 10.45 -1.36
N LYS A 202 -5.48 10.83 -2.62
CA LYS A 202 -5.55 12.21 -3.08
C LYS A 202 -6.07 12.17 -4.53
N GLN A 203 -7.29 11.63 -4.70
CA GLN A 203 -7.81 11.14 -5.99
C GLN A 203 -6.87 11.36 -7.19
N ALA A 210 2.09 16.37 -1.14
CA ALA A 210 3.54 16.07 -1.29
C ALA A 210 4.20 15.27 -0.13
N LEU A 211 5.22 14.49 -0.51
CA LEU A 211 5.94 13.56 0.35
C LEU A 211 7.42 13.92 0.30
N MET A 212 8.19 13.44 1.26
CA MET A 212 9.65 13.59 1.18
C MET A 212 10.27 12.22 1.08
N GLY A 213 11.13 12.03 0.09
CA GLY A 213 11.93 10.85 -0.07
C GLY A 213 13.37 11.26 -0.13
N ILE A 214 14.17 10.72 0.80
CA ILE A 214 15.59 10.98 0.91
C ILE A 214 16.39 9.69 0.57
N LEU A 215 17.46 9.79 -0.21
CA LEU A 215 18.41 8.69 -0.29
C LEU A 215 19.78 9.29 0.06
N ASN A 216 20.58 8.58 0.83
CA ASN A 216 21.88 9.10 1.26
C ASN A 216 22.88 9.04 0.10
N ILE A 217 23.82 9.97 0.11
CA ILE A 217 24.77 10.12 -0.99
C ILE A 217 25.64 8.88 -1.27
N ASN A 218 25.83 8.06 -0.22
CA ASN A 218 26.68 6.86 -0.34
C ASN A 218 25.93 5.55 -0.60
N HIS A 219 24.64 5.64 -0.94
CA HIS A 219 23.85 4.49 -1.30
C HIS A 219 24.20 4.11 -2.75
N PRO A 220 24.42 2.81 -3.02
CA PRO A 220 24.73 2.41 -4.41
C PRO A 220 23.71 2.85 -5.47
N ASP A 221 22.46 3.10 -5.08
CA ASP A 221 21.44 3.51 -6.07
C ASP A 221 21.27 5.03 -6.23
N ILE A 222 22.16 5.79 -5.59
CA ILE A 222 22.06 7.22 -5.53
C ILE A 222 21.91 7.87 -6.92
N GLU A 223 22.62 7.38 -7.90
CA GLU A 223 22.55 7.97 -9.23
C GLU A 223 21.20 7.80 -9.89
N GLU A 224 20.63 6.62 -9.70
CA GLU A 224 19.29 6.28 -10.16
C GLU A 224 18.28 7.20 -9.47
N PHE A 225 18.43 7.35 -8.15
CA PHE A 225 17.64 8.26 -7.32
C PHE A 225 17.66 9.70 -7.83
N ILE A 226 18.85 10.20 -8.11
CA ILE A 226 19.07 11.57 -8.57
C ILE A 226 18.26 11.83 -9.84
N ASP A 227 18.22 10.84 -10.72
CA ASP A 227 17.57 10.88 -12.02
C ASP A 227 16.12 10.43 -11.97
N ALA A 228 15.62 10.04 -10.80
CA ALA A 228 14.33 9.36 -10.68
C ALA A 228 13.14 10.19 -11.18
N LYS A 229 13.22 11.50 -11.01
CA LYS A 229 12.14 12.39 -11.45
C LYS A 229 12.40 13.10 -12.78
N LYS A 230 13.45 12.70 -13.49
CA LYS A 230 13.63 13.23 -14.86
C LYS A 230 12.71 12.48 -15.85
N GLU A 231 12.24 13.20 -16.89
CA GLU A 231 11.26 12.68 -17.91
C GLU A 231 9.94 12.16 -17.30
N ALA A 236 6.12 12.59 -13.18
CA ALA A 236 7.35 11.79 -13.30
C ALA A 236 7.41 10.64 -12.29
N VAL A 237 6.59 9.59 -12.51
CA VAL A 237 6.45 8.34 -11.70
C VAL A 237 6.50 8.49 -10.19
N LEU A 238 7.25 9.50 -9.78
CA LEU A 238 7.36 9.91 -8.40
C LEU A 238 6.83 11.33 -8.30
N ASN A 239 5.64 11.57 -8.86
CA ASN A 239 5.07 12.90 -8.97
C ASN A 239 4.64 13.45 -7.62
N PHE A 240 4.33 12.57 -6.67
CA PHE A 240 3.99 13.03 -5.31
C PHE A 240 5.17 13.23 -4.39
N PHE A 241 6.36 12.84 -4.82
CA PHE A 241 7.58 13.01 -4.01
C PHE A 241 8.36 14.31 -4.28
N ASN A 242 8.75 15.04 -3.22
CA ASN A 242 9.94 15.89 -3.28
C ASN A 242 11.06 14.94 -2.92
N LEU A 243 12.23 15.13 -3.50
CA LEU A 243 13.33 14.23 -3.40
C LEU A 243 14.54 15.06 -2.94
N SER A 244 15.18 14.65 -1.84
CA SER A 244 16.45 15.26 -1.42
C SER A 244 17.57 14.24 -1.26
N VAL A 245 18.79 14.62 -1.62
CA VAL A 245 19.93 13.76 -1.38
C VAL A 245 20.39 13.96 0.05
N GLY A 246 20.59 12.86 0.77
CA GLY A 246 20.92 12.91 2.19
C GLY A 246 22.40 12.88 2.44
N PHE A 247 22.87 13.77 3.31
CA PHE A 247 24.28 13.87 3.72
C PHE A 247 24.40 13.64 5.25
N PRO A 248 24.51 12.36 5.65
CA PRO A 248 24.55 12.10 7.09
C PRO A 248 25.92 12.43 7.74
N MET A 249 26.96 12.53 6.95
CA MET A 249 28.27 12.93 7.45
C MET A 249 28.33 14.45 7.60
N ASP A 250 29.44 14.92 8.17
CA ASP A 250 29.68 16.35 8.36
C ASP A 250 29.76 17.05 7.01
N LYS A 251 29.21 18.25 6.93
CA LYS A 251 29.27 19.09 5.73
C LYS A 251 30.71 19.45 5.34
N LYS A 252 31.56 19.63 6.35
CA LYS A 252 33.01 19.86 6.18
C LYS A 252 33.71 18.70 5.44
N GLU A 253 33.40 17.45 5.79
CA GLU A 253 34.04 16.32 5.15
C GLU A 253 33.67 16.30 3.70
N ILE A 254 32.39 16.60 3.42
CA ILE A 254 31.88 16.57 2.06
C ILE A 254 32.54 17.67 1.19
N LEU A 255 32.63 18.88 1.73
CA LEU A 255 33.26 20.01 1.06
C LEU A 255 34.77 19.79 0.86
N LYS A 256 35.43 19.23 1.87
CA LYS A 256 36.84 18.84 1.72
C LYS A 256 37.03 17.83 0.58
N LEU A 257 36.22 16.78 0.58
CA LEU A 257 36.28 15.73 -0.46
C LEU A 257 36.09 16.32 -1.87
N TYR A 258 35.12 17.22 -1.99
CA TYR A 258 34.89 17.95 -3.24
C TYR A 258 36.12 18.76 -3.70
N GLU A 259 36.69 19.55 -2.79
CA GLU A 259 37.85 20.40 -3.08
C GLU A 259 39.10 19.62 -3.54
N GLU A 260 39.31 18.45 -2.96
CA GLU A 260 40.39 17.55 -3.32
C GLU A 260 40.06 16.68 -4.52
N ASP A 261 38.93 16.94 -5.16
CA ASP A 261 38.43 16.07 -6.23
C ASP A 261 38.52 14.60 -5.78
N GLY A 262 38.10 14.35 -4.53
CA GLY A 262 38.04 13.00 -4.01
C GLY A 262 36.89 12.12 -4.53
N GLU A 263 36.95 10.87 -4.09
CA GLU A 263 36.01 9.85 -4.44
C GLU A 263 35.20 9.42 -3.23
N LEU A 264 33.98 8.97 -3.51
CA LEU A 264 33.09 8.47 -2.48
C LEU A 264 32.88 6.99 -2.71
N GLU A 265 32.92 6.20 -1.65
CA GLU A 265 32.50 4.81 -1.81
C GLU A 265 31.02 4.58 -1.49
N LEU A 266 30.33 4.13 -2.53
CA LEU A 266 28.92 3.75 -2.45
C LEU A 266 28.86 2.33 -1.98
N SER A 267 28.19 2.12 -0.88
CA SER A 267 28.08 0.79 -0.34
C SER A 267 26.83 0.67 0.53
N HIS A 268 26.43 -0.56 0.81
CA HIS A 268 25.31 -0.85 1.67
C HIS A 268 25.65 -2.06 2.53
N PRO A 269 25.27 -2.03 3.84
CA PRO A 269 25.54 -3.15 4.78
C PRO A 269 24.96 -4.50 4.35
N ARG A 270 23.76 -4.49 3.77
CA ARG A 270 23.07 -5.72 3.30
C ARG A 270 23.24 -5.92 1.80
N SER A 271 24.37 -5.50 1.27
CA SER A 271 24.73 -5.76 -0.12
C SER A 271 26.23 -5.95 -0.31
N THR A 272 26.60 -6.63 -1.39
CA THR A 272 28.01 -6.85 -1.71
C THR A 272 28.39 -5.91 -2.84
N ILE A 273 27.36 -5.20 -3.32
CA ILE A 273 27.46 -4.13 -4.32
C ILE A 273 28.29 -2.96 -3.72
N ARG A 274 29.51 -2.77 -4.22
CA ARG A 274 30.41 -1.64 -3.90
C ARG A 274 30.80 -0.87 -5.18
N LYS A 275 30.90 0.47 -5.08
CA LYS A 275 31.31 1.31 -6.20
C LYS A 275 31.98 2.62 -5.76
N LYS A 276 32.99 3.06 -6.49
CA LYS A 276 33.70 4.32 -6.27
C LYS A 276 33.26 5.32 -7.29
N VAL A 277 32.80 6.48 -6.82
CA VAL A 277 32.44 7.61 -7.68
C VAL A 277 33.12 8.90 -7.24
N LYS A 278 33.44 9.73 -8.23
CA LYS A 278 33.98 11.06 -7.99
C LYS A 278 32.84 11.89 -7.43
N ILE A 279 33.01 12.42 -6.23
CA ILE A 279 32.02 13.32 -5.63
C ILE A 279 31.66 14.51 -6.52
N ARG A 280 32.65 15.07 -7.24
CA ARG A 280 32.39 16.21 -8.13
C ARG A 280 31.38 15.81 -9.18
N GLU A 281 31.45 14.54 -9.57
CA GLU A 281 30.60 14.03 -10.61
C GLU A 281 29.19 13.75 -10.08
N LEU A 282 29.10 13.27 -8.83
CA LEU A 282 27.83 13.10 -8.13
C LEU A 282 27.11 14.45 -8.01
N PHE A 283 27.85 15.46 -7.59
CA PHE A 283 27.34 16.81 -7.45
C PHE A 283 26.81 17.44 -8.72
N ARG A 284 27.53 17.22 -9.83
CA ARG A 284 27.18 17.79 -11.10
C ARG A 284 25.87 17.18 -11.66
N LYS A 285 25.75 15.87 -11.49
CA LYS A 285 24.54 15.13 -11.79
C LYS A 285 23.34 15.66 -10.97
N ILE A 286 23.53 15.89 -9.66
CA ILE A 286 22.46 16.50 -8.86
C ILE A 286 22.13 17.90 -9.36
N ALA A 287 23.15 18.71 -9.61
CA ALA A 287 22.95 20.10 -10.10
C ALA A 287 22.28 20.19 -11.47
N THR A 288 22.64 19.32 -12.39
CA THR A 288 22.05 19.20 -13.74
C THR A 288 20.57 18.89 -13.64
N ASN A 289 20.19 17.90 -12.81
CA ASN A 289 18.77 17.55 -12.57
C ASN A 289 17.99 18.62 -11.86
N ALA A 290 18.61 19.23 -10.84
CA ALA A 290 18.00 20.36 -10.13
C ALA A 290 17.86 21.58 -11.06
N TRP A 291 18.87 21.81 -11.90
CA TRP A 291 18.83 22.88 -12.92
C TRP A 291 17.68 22.65 -13.90
N LYS A 292 17.36 21.41 -14.22
CA LYS A 292 16.30 21.09 -15.18
C LYS A 292 14.92 21.17 -14.60
N SER A 293 14.76 20.71 -13.35
CA SER A 293 13.44 20.38 -12.82
C SER A 293 13.22 20.79 -11.38
N GLY A 294 14.26 21.20 -10.69
CA GLY A 294 14.12 21.51 -9.29
C GLY A 294 14.40 20.40 -8.30
N ASP A 295 14.62 19.18 -8.77
CA ASP A 295 14.90 18.03 -7.90
C ASP A 295 16.17 17.31 -8.32
N PRO A 296 16.89 16.70 -7.37
CA PRO A 296 16.66 16.62 -5.92
C PRO A 296 17.29 17.79 -5.16
N GLY A 297 16.78 18.07 -3.96
CA GLY A 297 17.44 19.00 -3.09
C GLY A 297 18.56 18.35 -2.31
N LEU A 298 19.16 19.08 -1.41
CA LEU A 298 20.18 18.54 -0.50
C LEU A 298 19.69 18.59 0.95
N ALA A 299 19.82 17.48 1.67
CA ALA A 299 19.45 17.40 3.09
C ALA A 299 20.70 17.13 3.90
N PHE A 300 21.16 18.18 4.61
CA PHE A 300 22.35 18.04 5.44
C PHE A 300 22.03 17.43 6.79
N LEU A 301 21.76 16.12 6.75
CA LEU A 301 21.33 15.34 7.92
C LEU A 301 22.33 15.39 9.09
N GLY A 302 23.63 15.31 8.79
CA GLY A 302 24.70 15.47 9.81
C GLY A 302 24.63 16.79 10.55
N GLU A 303 24.47 17.88 9.80
CA GLU A 303 24.24 19.20 10.39
C GLU A 303 22.98 19.27 11.28
N MET A 304 21.94 18.51 10.94
CA MET A 304 20.72 18.50 11.75
C MET A 304 21.04 17.81 13.09
N ASN A 305 21.79 16.75 12.99
CA ASN A 305 22.16 15.98 14.17
C ASN A 305 23.17 16.71 15.06
N LYS A 306 24.04 17.50 14.45
CA LYS A 306 24.90 18.43 15.18
C LYS A 306 24.14 19.20 16.26
N TYR A 307 22.91 19.61 15.94
CA TYR A 307 22.08 20.45 16.81
C TYR A 307 20.88 19.77 17.44
N TYR A 308 20.81 18.44 17.25
CA TYR A 308 19.75 17.62 17.87
C TYR A 308 20.12 17.32 19.31
N PRO A 309 19.34 17.85 20.28
CA PRO A 309 19.59 17.61 21.71
C PRO A 309 19.65 16.13 22.13
N LEU A 310 19.01 15.27 21.35
CA LEU A 310 18.90 13.85 21.69
C LEU A 310 19.85 12.98 20.90
N TYR A 311 20.68 13.58 20.06
CA TYR A 311 21.66 12.83 19.27
C TYR A 311 22.83 12.42 20.16
N PRO A 312 23.38 11.17 20.02
CA PRO A 312 23.12 10.04 19.12
C PRO A 312 22.11 9.03 19.59
N HIS A 313 21.56 9.17 20.80
CA HIS A 313 20.53 8.23 21.29
C HIS A 313 19.43 8.15 20.25
N ARG A 314 19.02 9.32 19.79
CA ARG A 314 18.02 9.47 18.77
C ARG A 314 18.62 10.20 17.60
N LYS A 315 18.13 9.88 16.42
CA LYS A 315 18.78 10.24 15.18
C LYS A 315 17.73 10.83 14.21
N ILE A 316 18.08 11.94 13.58
CA ILE A 316 17.29 12.57 12.56
C ILE A 316 17.75 11.99 11.21
N ASN A 317 16.84 11.32 10.50
CA ASN A 317 17.13 10.72 9.20
C ASN A 317 16.41 11.34 8.00
N SER A 318 15.39 12.14 8.27
CA SER A 318 14.55 12.67 7.21
C SER A 318 13.91 13.94 7.71
N THR A 319 13.46 14.75 6.77
CA THR A 319 12.61 15.89 7.04
C THR A 319 11.18 15.54 6.63
N ASN A 320 10.23 16.43 6.96
CA ASN A 320 8.90 16.41 6.40
C ASN A 320 9.03 16.88 4.93
N PRO A 321 7.95 16.80 4.12
CA PRO A 321 7.92 17.17 2.69
C PRO A 321 8.54 18.53 2.29
N CYS A 322 8.42 19.53 3.17
CA CYS A 322 8.94 20.87 2.84
C CYS A 322 10.29 21.15 3.47
N GLY A 323 10.79 20.20 4.24
CA GLY A 323 12.16 20.24 4.67
C GLY A 323 12.50 21.00 5.93
N GLU A 324 11.54 21.77 6.46
CA GLU A 324 11.82 22.67 7.59
C GLU A 324 11.94 22.03 8.97
N ILE A 325 11.42 20.79 9.14
CA ILE A 325 11.58 20.06 10.37
C ILE A 325 12.36 18.78 10.11
N GLY A 326 13.50 18.63 10.78
CA GLY A 326 14.22 17.34 10.71
C GLY A 326 13.64 16.50 11.83
N LEU A 327 13.23 15.28 11.51
CA LEU A 327 12.53 14.49 12.52
C LEU A 327 13.17 13.15 12.73
N SER A 328 13.16 12.67 13.98
CA SER A 328 13.51 11.26 14.22
C SER A 328 12.29 10.39 13.89
N ASP A 329 12.52 9.06 13.90
CA ASP A 329 11.49 8.10 13.45
C ASP A 329 10.26 8.13 14.27
N TYR A 330 9.12 8.28 13.58
CA TYR A 330 7.76 8.33 14.16
C TYR A 330 7.50 9.62 14.88
N GLU A 331 8.41 10.58 14.74
CA GLU A 331 8.23 11.87 15.40
C GLU A 331 7.35 12.73 14.51
N ALA A 332 6.51 13.55 15.13
CA ALA A 332 5.75 14.53 14.38
C ALA A 332 6.00 15.90 14.99
N CYS A 333 5.54 16.96 14.33
CA CYS A 333 5.76 18.30 14.81
C CYS A 333 4.68 19.25 14.33
N ASN A 334 4.14 20.07 15.23
CA ASN A 334 3.12 21.04 14.89
C ASN A 334 3.75 22.44 14.79
N LEU A 335 3.19 23.21 13.85
CA LEU A 335 3.75 24.50 13.48
C LEU A 335 2.73 25.65 13.68
N GLY A 336 3.27 26.85 13.78
CA GLY A 336 2.46 28.06 13.73
C GLY A 336 3.38 29.23 13.49
N SER A 337 2.80 30.30 12.97
CA SER A 337 3.57 31.42 12.48
C SER A 337 3.08 32.76 12.94
N ILE A 338 4.01 33.62 13.33
CA ILE A 338 3.69 35.02 13.62
C ILE A 338 3.88 35.91 12.38
N ASP A 339 2.86 36.75 12.09
CA ASP A 339 2.93 37.69 10.97
C ASP A 339 3.64 38.95 11.41
N VAL A 340 4.94 38.99 11.21
CA VAL A 340 5.74 40.10 11.73
C VAL A 340 5.58 41.42 10.99
N ALA A 341 5.04 41.39 9.78
CA ALA A 341 4.64 42.65 9.12
C ALA A 341 3.61 43.47 9.95
N LYS A 342 2.83 42.81 10.82
CA LYS A 342 1.88 43.51 11.65
C LYS A 342 2.54 44.17 12.90
N PHE A 343 3.78 43.84 13.17
CA PHE A 343 4.55 44.40 14.28
C PHE A 343 5.41 45.63 13.91
N TYR A 344 5.18 46.18 12.72
CA TYR A 344 5.85 47.39 12.29
C TYR A 344 5.20 48.60 12.96
N ASN A 345 6.02 49.39 13.62
CA ASN A 345 5.55 50.63 14.24
C ASN A 345 6.59 51.76 14.06
N ASN A 346 6.17 52.77 13.29
CA ASN A 346 6.97 53.96 12.96
C ASN A 346 8.47 53.71 12.73
N GLY A 347 8.79 52.80 11.83
CA GLY A 347 10.20 52.59 11.48
C GLY A 347 10.95 51.56 12.31
N PHE A 348 10.23 50.91 13.24
CA PHE A 348 10.78 49.87 14.12
C PHE A 348 9.82 48.66 14.28
N VAL A 349 10.37 47.54 14.70
CA VAL A 349 9.58 46.36 15.00
C VAL A 349 9.28 46.46 16.47
N ASP A 350 8.00 46.40 16.79
CA ASP A 350 7.53 46.53 18.15
C ASP A 350 7.88 45.26 18.93
N LEU A 351 9.06 45.28 19.52
CA LEU A 351 9.60 44.13 20.26
C LEU A 351 8.82 43.83 21.54
N GLU A 352 8.12 44.81 22.08
CA GLU A 352 7.34 44.61 23.31
C GLU A 352 6.12 43.73 23.06
N ALA A 353 5.30 44.10 22.09
CA ALA A 353 4.17 43.30 21.66
C ALA A 353 4.61 41.93 21.09
N LEU A 354 5.73 41.89 20.37
CA LEU A 354 6.30 40.63 19.81
C LEU A 354 6.68 39.60 20.87
N GLN A 355 7.37 40.01 21.93
CA GLN A 355 7.73 39.11 23.00
C GLN A 355 6.50 38.51 23.69
N GLU A 356 5.50 39.33 23.99
CA GLU A 356 4.25 38.82 24.58
C GLU A 356 3.63 37.76 23.64
N LEU A 357 3.69 37.99 22.32
CA LEU A 357 3.08 37.02 21.36
C LEU A 357 3.88 35.73 21.22
N VAL A 358 5.21 35.81 21.32
CA VAL A 358 6.05 34.63 21.27
C VAL A 358 5.68 33.77 22.46
N GLN A 359 5.47 34.43 23.59
CA GLN A 359 5.02 33.78 24.82
C GLN A 359 3.73 33.01 24.66
N ILE A 360 2.74 33.67 24.11
CA ILE A 360 1.45 33.07 23.88
C ILE A 360 1.53 31.94 22.85
N ALA A 361 2.32 32.16 21.79
CA ALA A 361 2.37 31.23 20.69
C ALA A 361 3.00 29.94 21.09
N VAL A 362 4.07 30.00 21.87
CA VAL A 362 4.74 28.81 22.33
C VAL A 362 3.79 27.99 23.14
N ARG A 363 2.92 28.68 23.91
CA ARG A 363 1.99 27.97 24.76
C ARG A 363 0.87 27.36 23.95
N PHE A 364 0.40 28.11 22.96
CA PHE A 364 -0.65 27.62 22.08
C PHE A 364 -0.18 26.31 21.41
N LEU A 365 1.00 26.37 20.80
CA LEU A 365 1.60 25.25 20.11
C LEU A 365 1.83 24.08 21.03
N ASP A 366 2.37 24.32 22.23
CA ASP A 366 2.58 23.26 23.23
C ASP A 366 1.25 22.62 23.73
N ASN A 367 0.19 23.41 23.80
CA ASN A 367 -1.16 22.92 24.08
C ASN A 367 -1.73 22.06 22.94
N VAL A 368 -1.34 22.33 21.70
CA VAL A 368 -1.83 21.58 20.56
C VAL A 368 -1.45 20.09 20.71
N ILE A 369 -0.28 19.82 21.29
CA ILE A 369 0.15 18.46 21.51
C ILE A 369 -0.86 17.67 22.43
N ASP A 370 -1.38 18.33 23.47
CA ASP A 370 -2.27 17.70 24.44
C ASP A 370 -3.70 17.40 23.90
N VAL A 371 -4.11 18.17 22.88
CA VAL A 371 -5.41 17.96 22.25
C VAL A 371 -5.30 17.26 20.90
N ASN A 372 -4.06 16.92 20.53
CA ASN A 372 -3.75 16.26 19.28
C ASN A 372 -4.05 14.77 19.37
N VAL A 373 -4.59 14.19 18.29
CA VAL A 373 -4.78 12.72 18.20
C VAL A 373 -4.09 12.25 16.93
N PHE A 374 -3.15 11.30 17.07
CA PHE A 374 -2.42 10.70 15.98
C PHE A 374 -2.89 9.29 15.67
N PRO A 375 -2.73 8.85 14.38
CA PRO A 375 -3.27 7.56 13.94
C PRO A 375 -2.40 6.36 14.29
N ILE A 376 -1.25 6.59 14.92
CA ILE A 376 -0.28 5.52 15.13
C ILE A 376 0.32 5.74 16.49
N ASP A 377 0.26 4.71 17.35
CA ASP A 377 0.70 4.78 18.75
C ASP A 377 2.17 5.22 18.88
N LYS A 378 3.03 4.71 18.02
CA LYS A 378 4.42 5.06 18.08
C LYS A 378 4.66 6.56 17.86
N ILE A 379 3.81 7.21 17.06
CA ILE A 379 3.91 8.65 16.87
C ILE A 379 3.45 9.42 18.09
N THR A 380 2.33 8.99 18.67
CA THR A 380 1.82 9.55 19.92
C THR A 380 2.91 9.57 21.03
N LYS A 381 3.65 8.47 21.11
CA LYS A 381 4.66 8.26 22.12
C LYS A 381 5.90 9.12 21.89
N ALA A 382 6.47 9.06 20.67
CA ALA A 382 7.54 9.94 20.22
C ALA A 382 7.26 11.45 20.43
N VAL A 383 6.05 11.93 20.16
CA VAL A 383 5.69 13.32 20.38
C VAL A 383 5.54 13.68 21.87
N LYS A 384 4.99 12.76 22.68
CA LYS A 384 4.84 12.98 24.14
C LYS A 384 6.20 13.11 24.79
N GLU A 385 7.12 12.29 24.29
CA GLU A 385 8.44 12.22 24.82
C GLU A 385 9.29 13.45 24.58
N SER A 386 9.09 14.14 23.46
CA SER A 386 10.02 15.19 23.00
C SER A 386 9.40 16.58 22.96
N ARG A 387 8.11 16.64 22.62
CA ARG A 387 7.32 17.89 22.51
C ARG A 387 7.96 18.98 21.64
N ARG A 388 8.42 18.56 20.45
CA ARG A 388 9.08 19.43 19.50
C ARG A 388 8.06 20.37 18.88
N LEU A 389 8.31 21.70 18.93
CA LEU A 389 7.49 22.66 18.22
C LEU A 389 8.21 23.29 17.01
N GLY A 390 7.42 23.93 16.15
CA GLY A 390 7.93 24.73 15.07
C GLY A 390 7.27 26.09 15.01
N LEU A 391 7.56 26.97 15.99
CA LEU A 391 7.21 28.40 15.84
C LEU A 391 8.07 29.13 14.80
N GLY A 392 7.39 29.85 13.90
CA GLY A 392 8.09 30.59 12.83
C GLY A 392 7.46 31.95 12.58
N ILE A 393 7.84 32.54 11.44
CA ILE A 393 7.34 33.82 11.04
C ILE A 393 6.87 33.73 9.61
N MET A 394 5.94 34.64 9.30
CA MET A 394 5.51 34.93 7.95
C MET A 394 5.51 36.46 7.90
N GLY A 395 5.33 37.02 6.71
CA GLY A 395 5.22 38.51 6.61
C GLY A 395 6.55 39.25 6.61
N PHE A 396 7.66 38.52 6.64
CA PHE A 396 8.98 39.14 6.76
C PHE A 396 9.37 40.06 5.57
N ALA A 397 9.00 39.66 4.35
CA ALA A 397 9.23 40.49 3.16
C ALA A 397 8.48 41.81 3.22
N ASP A 398 7.19 41.76 3.60
CA ASP A 398 6.39 42.94 3.74
C ASP A 398 6.91 43.81 4.90
N LEU A 399 7.46 43.19 5.95
CA LEU A 399 8.16 43.90 7.02
C LEU A 399 9.37 44.69 6.52
N LEU A 400 10.20 44.10 5.64
CA LEU A 400 11.31 44.82 5.04
C LEU A 400 10.86 46.00 4.17
N TYR A 401 9.86 45.79 3.29
CA TYR A 401 9.15 46.85 2.56
C TYR A 401 8.78 48.04 3.47
N LYS A 402 8.08 47.78 4.58
CA LYS A 402 7.68 48.81 5.56
C LYS A 402 8.90 49.54 6.17
N LEU A 403 9.90 48.74 6.56
CA LEU A 403 11.13 49.27 7.13
C LEU A 403 12.04 49.90 6.08
N GLU A 404 11.65 49.81 4.81
CA GLU A 404 12.47 50.35 3.71
C GLU A 404 13.85 49.71 3.57
N ILE A 405 13.91 48.40 3.79
CA ILE A 405 15.13 47.61 3.74
C ILE A 405 15.12 46.69 2.51
N PRO A 406 16.18 46.80 1.65
CA PRO A 406 16.27 45.84 0.53
C PRO A 406 16.53 44.40 1.02
N TYR A 407 15.75 43.46 0.51
CA TYR A 407 15.90 42.05 0.89
C TYR A 407 17.33 41.57 0.62
N ASN A 408 17.84 41.95 -0.56
CA ASN A 408 19.17 41.60 -1.06
C ASN A 408 20.24 42.63 -0.61
N SER A 409 20.49 42.67 0.71
CA SER A 409 21.38 43.66 1.39
C SER A 409 21.88 42.95 2.63
N GLN A 410 23.10 43.24 3.05
CA GLN A 410 23.57 42.82 4.36
C GLN A 410 22.71 43.42 5.45
N GLU A 411 22.15 44.61 5.23
CA GLU A 411 21.22 45.22 6.18
C GLU A 411 20.05 44.28 6.55
N ALA A 412 19.39 43.75 5.51
CA ALA A 412 18.25 42.84 5.69
C ALA A 412 18.57 41.57 6.47
N ARG A 413 19.74 40.99 6.20
CA ARG A 413 20.19 39.73 6.83
C ARG A 413 20.60 39.97 8.25
N ASP A 414 21.23 41.11 8.50
CA ASP A 414 21.55 41.54 9.89
C ASP A 414 20.29 41.75 10.69
N PHE A 415 19.32 42.42 10.09
CA PHE A 415 17.99 42.62 10.69
C PHE A 415 17.32 41.28 10.98
N ALA A 416 17.33 40.39 9.98
CA ALA A 416 16.74 39.06 10.07
C ALA A 416 17.33 38.20 11.18
N ALA A 417 18.66 38.20 11.30
CA ALA A 417 19.32 37.42 12.35
C ALA A 417 18.99 37.94 13.75
N ASN A 418 18.94 39.26 13.93
CA ASN A 418 18.47 39.85 15.19
C ASN A 418 17.02 39.59 15.55
N LEU A 419 16.14 39.71 14.56
CA LEU A 419 14.74 39.44 14.73
C LEU A 419 14.56 37.96 15.16
N MET A 420 15.14 37.03 14.39
CA MET A 420 15.11 35.61 14.73
C MET A 420 15.76 35.28 16.08
N ALA A 421 16.94 35.83 16.33
CA ALA A 421 17.63 35.72 17.64
C ALA A 421 16.75 36.15 18.83
N PHE A 422 16.02 37.28 18.69
CA PHE A 422 15.06 37.79 19.70
C PHE A 422 13.92 36.81 19.92
N ILE A 423 13.33 36.30 18.83
CA ILE A 423 12.25 35.32 18.88
C ILE A 423 12.72 34.02 19.51
N ALA A 424 13.89 33.57 19.10
CA ALA A 424 14.54 32.39 19.66
C ALA A 424 14.66 32.53 21.13
N LEU A 425 15.21 33.67 21.57
CA LEU A 425 15.43 33.97 23.02
C LEU A 425 14.16 33.76 23.86
N HIS A 426 13.08 34.39 23.42
CA HIS A 426 11.84 34.43 24.18
C HIS A 426 10.97 33.19 24.05
N ALA A 427 11.13 32.47 22.92
CA ALA A 427 10.60 31.12 22.75
C ALA A 427 11.21 30.13 23.75
N HIS A 428 12.54 30.10 23.81
CA HIS A 428 13.22 29.16 24.69
C HIS A 428 13.04 29.53 26.18
N ARG A 429 12.99 30.83 26.49
CA ARG A 429 12.59 31.32 27.79
C ARG A 429 11.20 30.81 28.14
N THR A 430 10.23 30.92 27.22
CA THR A 430 8.87 30.43 27.50
C THR A 430 8.90 28.92 27.72
N SER A 431 9.76 28.21 27.00
CA SER A 431 9.84 26.75 27.14
C SER A 431 10.36 26.35 28.53
N TYR A 432 11.32 27.13 29.03
CA TYR A 432 11.78 27.08 30.40
C TYR A 432 10.58 27.23 31.37
N GLU A 433 9.88 28.37 31.28
CA GLU A 433 8.70 28.66 32.09
C GLU A 433 7.62 27.56 32.06
N LEU A 434 7.36 26.99 30.88
CA LEU A 434 6.38 25.89 30.73
C LEU A 434 6.83 24.58 31.36
N GLY A 435 8.12 24.27 31.29
CA GLY A 435 8.66 23.08 31.96
C GLY A 435 8.50 23.18 33.47
N LYS A 436 8.75 24.37 34.01
CA LYS A 436 8.52 24.68 35.41
C LYS A 436 7.02 24.56 35.75
N GLU A 437 6.16 25.14 34.92
CA GLU A 437 4.74 25.15 35.19
C GLU A 437 4.01 23.82 35.03
N LYS A 438 4.44 23.03 34.04
CA LYS A 438 3.68 21.84 33.61
C LYS A 438 4.49 20.55 33.63
N GLY A 439 5.78 20.65 33.81
CA GLY A 439 6.64 19.47 33.73
C GLY A 439 7.46 19.49 32.46
N ASN A 440 8.69 18.99 32.59
CA ASN A 440 9.66 18.95 31.50
C ASN A 440 9.31 17.90 30.45
N PHE A 441 9.87 17.99 29.27
CA PHE A 441 9.65 16.93 28.30
C PHE A 441 10.33 15.69 28.84
N PRO A 442 9.65 14.51 28.79
CA PRO A 442 10.21 13.31 29.42
C PRO A 442 11.68 13.07 29.21
N LEU A 443 12.23 13.49 28.07
CA LEU A 443 13.57 13.06 27.70
C LEU A 443 14.62 14.13 27.92
N LEU A 444 14.24 15.16 28.68
CA LEU A 444 15.15 16.21 29.14
C LEU A 444 16.48 15.65 29.65
N GLU A 445 16.38 14.71 30.62
CA GLU A 445 17.55 14.14 31.32
C GLU A 445 18.62 13.59 30.40
N ILE A 446 18.21 12.95 29.30
CA ILE A 446 19.16 12.27 28.39
C ILE A 446 19.58 13.18 27.22
N SER A 447 19.04 14.41 27.24
CA SER A 447 19.32 15.41 26.21
C SER A 447 20.55 16.24 26.53
N ARG A 448 21.17 16.77 25.48
CA ARG A 448 22.37 17.59 25.61
C ARG A 448 22.17 18.89 26.40
N TYR A 449 20.91 19.33 26.59
CA TYR A 449 20.62 20.44 27.52
C TYR A 449 21.04 20.07 28.95
N ARG A 450 20.98 18.77 29.26
CA ARG A 450 21.39 18.24 30.56
C ARG A 450 22.82 17.76 30.63
N THR A 451 23.18 16.85 29.73
CA THR A 451 24.46 16.14 29.78
C THR A 451 25.66 16.96 29.26
N GLU A 452 25.42 18.22 28.93
CA GLU A 452 26.47 19.11 28.41
C GLU A 452 26.37 20.50 29.03
N ASP A 453 27.49 21.22 28.93
CA ASP A 453 27.55 22.62 29.31
C ASP A 453 27.62 23.35 27.98
N ASN A 454 26.92 24.41 27.69
CA ASN A 454 27.19 25.20 26.46
C ASN A 454 26.64 24.64 25.13
N PHE A 455 25.73 23.66 25.23
CA PHE A 455 24.98 23.19 24.08
C PHE A 455 24.00 24.28 23.66
N VAL A 456 24.10 24.70 22.42
CA VAL A 456 23.09 25.57 21.81
C VAL A 456 22.63 24.88 20.51
N PRO A 457 21.31 24.78 20.32
CA PRO A 457 20.69 24.11 19.18
C PRO A 457 20.74 24.88 17.83
N PHE A 458 21.59 25.88 17.73
CA PHE A 458 21.83 26.62 16.49
C PHE A 458 23.18 27.30 16.58
N ALA A 459 23.69 27.78 15.43
CA ALA A 459 25.04 28.25 15.30
C ALA A 459 25.28 29.64 15.90
N MET A 460 24.24 30.48 15.93
CA MET A 460 24.34 31.90 16.29
C MET A 460 25.42 32.66 15.50
N GLY A 461 26.00 33.72 16.10
CA GLY A 461 27.15 34.45 15.52
C GLY A 461 26.76 35.66 14.66
N MET A 462 25.53 36.15 14.80
CA MET A 462 25.08 37.28 14.01
C MET A 462 24.16 38.22 14.80
N SER A 463 24.27 38.23 16.12
CA SER A 463 23.36 39.02 16.95
C SER A 463 23.93 39.36 18.31
N ASN A 464 23.46 40.50 18.82
CA ASN A 464 23.82 41.00 20.13
C ASN A 464 23.25 40.13 21.25
N TYR A 465 22.20 39.37 20.91
CA TYR A 465 21.45 38.55 21.85
C TYR A 465 22.13 37.24 22.19
N ASP A 466 23.22 36.89 21.49
CA ASP A 466 23.93 35.61 21.71
C ASP A 466 24.22 35.23 23.13
N ASP A 467 24.69 36.17 23.94
CA ASP A 467 25.12 35.86 25.31
C ASP A 467 23.89 35.54 26.14
N GLU A 468 22.86 36.34 25.98
CA GLU A 468 21.58 36.09 26.63
C GLU A 468 20.96 34.76 26.25
N ILE A 469 21.07 34.40 24.96
CA ILE A 469 20.63 33.09 24.48
C ILE A 469 21.39 31.95 25.20
N ARG A 470 22.72 32.04 25.24
CA ARG A 470 23.54 31.08 25.98
C ARG A 470 23.05 30.94 27.42
N GLU A 471 22.72 32.07 28.03
CA GLU A 471 22.23 32.09 29.41
C GLU A 471 20.91 31.34 29.57
N VAL A 472 19.97 31.58 28.66
CA VAL A 472 18.72 30.82 28.66
C VAL A 472 18.95 29.34 28.41
N MET A 473 19.90 28.97 27.54
CA MET A 473 20.12 27.55 27.21
C MET A 473 20.61 26.77 28.43
N LYS A 474 21.45 27.42 29.23
CA LYS A 474 22.00 26.87 30.47
C LYS A 474 20.91 26.66 31.53
N MET A 475 20.04 27.67 31.68
CA MET A 475 18.83 27.62 32.53
C MET A 475 17.88 26.45 32.19
N THR A 476 17.82 26.07 30.90
CA THR A 476 16.97 24.97 30.44
C THR A 476 17.58 23.59 30.70
N LYS A 477 18.73 23.53 31.36
CA LYS A 477 19.22 22.28 31.93
C LYS A 477 18.26 21.81 32.99
N GLU A 478 17.68 22.76 33.73
CA GLU A 478 16.74 22.41 34.80
C GLU A 478 15.30 22.19 34.32
N PHE A 479 14.74 23.21 33.69
CA PHE A 479 13.39 23.19 33.19
C PHE A 479 13.34 23.44 31.67
N ARG A 480 12.61 22.56 30.98
CA ARG A 480 12.44 22.66 29.54
C ARG A 480 11.24 21.84 29.11
N ARG A 481 10.24 22.52 28.57
CA ARG A 481 9.04 21.87 28.10
C ARG A 481 9.24 21.17 26.76
N ASN A 482 10.17 21.65 25.93
CA ASN A 482 10.27 21.19 24.55
C ASN A 482 11.69 20.98 24.07
N VAL A 483 11.90 19.95 23.25
CA VAL A 483 13.23 19.63 22.76
C VAL A 483 13.81 20.69 21.80
N ALA A 484 12.92 21.34 21.04
CA ALA A 484 13.24 22.31 20.01
C ALA A 484 11.92 23.09 19.75
N LEU A 485 12.03 24.35 19.31
CA LEU A 485 10.87 25.27 19.34
C LEU A 485 10.56 26.03 18.04
N LEU A 486 11.50 26.02 17.09
CA LEU A 486 11.46 27.02 16.01
C LEU A 486 11.66 26.49 14.59
N THR A 487 11.01 27.13 13.62
CA THR A 487 11.24 26.81 12.22
C THR A 487 10.85 28.00 11.38
N ILE A 488 11.18 28.02 10.08
CA ILE A 488 10.45 28.90 9.15
C ILE A 488 9.86 27.94 8.13
N ALA A 489 8.54 27.94 8.08
CA ALA A 489 7.77 27.10 7.21
C ALA A 489 7.45 27.83 5.87
N PRO A 490 6.95 27.13 4.86
CA PRO A 490 6.50 27.82 3.64
C PRO A 490 5.29 28.79 3.83
N THR A 491 4.39 28.46 4.74
CA THR A 491 3.19 29.23 4.99
C THR A 491 2.34 29.59 3.76
N GLY A 492 2.37 28.76 2.72
CA GLY A 492 1.56 29.03 1.53
C GLY A 492 0.16 29.59 1.84
N SER A 493 -0.66 28.76 2.48
CA SER A 493 -2.07 29.10 2.75
C SER A 493 -2.31 30.03 3.94
N ILE A 494 -1.58 29.84 5.03
CA ILE A 494 -1.87 30.64 6.22
C ILE A 494 -1.41 32.10 6.07
N SER A 495 -0.35 32.30 5.28
CA SER A 495 0.05 33.66 4.89
C SER A 495 -1.00 34.30 3.95
N ASN A 496 -1.59 33.50 3.07
CA ASN A 496 -2.75 33.96 2.31
C ASN A 496 -3.92 34.41 3.22
N ILE A 497 -4.33 33.56 4.17
CA ILE A 497 -5.34 33.92 5.16
C ILE A 497 -4.97 35.20 5.88
N ALA A 498 -3.70 35.33 6.26
CA ALA A 498 -3.24 36.50 7.03
C ALA A 498 -2.95 37.72 6.20
N ASP A 499 -3.22 37.64 4.89
CA ASP A 499 -2.92 38.72 3.93
C ASP A 499 -1.49 39.24 4.07
N THR A 500 -0.52 38.34 4.04
CA THR A 500 0.86 38.76 4.25
C THR A 500 1.78 37.93 3.40
N SER A 501 3.05 38.28 3.36
CA SER A 501 3.99 37.50 2.53
C SER A 501 4.36 36.20 3.27
N SER A 502 4.85 35.22 2.51
CA SER A 502 5.01 33.86 2.96
C SER A 502 6.33 33.70 3.61
N GLY A 503 6.34 33.12 4.82
CA GLY A 503 7.56 32.77 5.51
C GLY A 503 8.60 33.85 5.51
N LEU A 504 9.84 33.48 5.25
CA LEU A 504 10.94 34.43 5.13
C LEU A 504 11.19 34.78 3.64
N GLU A 505 10.33 34.27 2.75
CA GLU A 505 10.48 34.45 1.31
C GLU A 505 10.19 35.89 0.86
N PRO A 506 10.98 36.40 -0.12
CA PRO A 506 10.62 37.68 -0.69
C PRO A 506 9.28 37.52 -1.43
N ASN A 507 8.63 38.62 -1.75
CA ASN A 507 7.42 38.51 -2.55
C ASN A 507 7.80 38.03 -3.92
N PHE A 508 7.04 37.08 -4.45
CA PHE A 508 7.40 36.58 -5.77
C PHE A 508 7.04 37.64 -6.81
N LEU A 509 5.88 38.23 -6.64
CA LEU A 509 5.40 39.31 -7.50
C LEU A 509 4.75 40.42 -6.68
N LEU A 510 4.92 41.65 -7.14
CA LEU A 510 4.23 42.84 -6.57
C LEU A 510 2.83 43.04 -7.14
N ALA A 511 2.56 42.51 -8.34
CA ALA A 511 1.26 42.66 -8.95
C ALA A 511 0.94 41.49 -9.90
N TYR A 512 -0.30 41.01 -9.77
CA TYR A 512 -0.83 39.94 -10.62
C TYR A 512 -2.36 40.08 -10.74
N THR A 513 -2.94 39.43 -11.73
CA THR A 513 -4.38 39.47 -11.90
C THR A 513 -4.94 38.22 -11.23
N ARG A 514 -5.70 38.41 -10.14
CA ARG A 514 -6.47 37.27 -9.55
C ARG A 514 -7.96 37.31 -9.94
N PHE A 515 -8.39 36.30 -10.71
CA PHE A 515 -9.74 36.31 -11.30
C PHE A 515 -10.84 35.80 -10.36
N VAL A 516 -11.81 36.69 -10.07
CA VAL A 516 -13.00 36.38 -9.25
C VAL A 516 -14.24 35.98 -10.07
N THR A 517 -14.77 34.78 -9.78
CA THR A 517 -15.92 34.19 -10.48
C THR A 517 -17.27 34.75 -10.01
N LYS A 518 -17.82 35.69 -10.77
CA LYS A 518 -19.19 36.19 -10.61
C LYS A 518 -20.11 35.07 -11.10
N GLU A 519 -21.04 34.64 -10.23
CA GLU A 519 -21.50 33.22 -10.23
C GLU A 519 -21.61 32.40 -11.55
N ASP A 520 -22.63 32.62 -12.40
CA ASP A 520 -23.52 33.80 -12.56
C ASP A 520 -22.97 34.77 -13.62
N GLY A 521 -22.76 36.05 -13.27
CA GLY A 521 -22.20 37.07 -14.21
C GLY A 521 -21.33 36.45 -15.31
N THR A 522 -20.06 36.19 -14.96
CA THR A 522 -19.11 35.38 -15.78
C THR A 522 -17.77 35.04 -15.08
N LYS A 523 -16.97 36.07 -14.75
CA LYS A 523 -15.58 35.96 -14.21
C LYS A 523 -14.83 37.31 -14.39
N GLU A 524 -14.29 37.87 -13.30
CA GLU A 524 -13.74 39.25 -13.31
C GLU A 524 -12.19 39.35 -13.27
N PRO A 525 -11.59 40.18 -14.15
CA PRO A 525 -10.17 40.51 -14.02
C PRO A 525 -9.91 41.47 -12.86
N LEU A 526 -9.48 40.94 -11.72
CA LEU A 526 -9.20 41.76 -10.53
C LEU A 526 -7.69 41.90 -10.25
N LEU A 527 -7.22 43.16 -10.23
CA LEU A 527 -5.81 43.52 -10.03
C LEU A 527 -5.41 43.46 -8.58
N TYR A 528 -4.32 42.76 -8.28
CA TYR A 528 -3.67 42.84 -6.98
C TYR A 528 -2.44 43.69 -7.13
N VAL A 529 -2.30 44.67 -6.25
CA VAL A 529 -1.01 45.28 -6.01
C VAL A 529 -0.70 45.10 -4.53
N ASN A 530 0.53 44.67 -4.24
CA ASN A 530 1.04 44.63 -2.88
C ASN A 530 0.58 45.84 -2.08
N GLN A 531 0.01 45.58 -0.90
CA GLN A 531 -0.53 46.65 -0.06
C GLN A 531 0.49 47.74 0.33
N VAL A 532 1.69 47.32 0.76
CA VAL A 532 2.77 48.26 1.17
C VAL A 532 3.27 49.09 -0.03
N LEU A 533 3.34 48.47 -1.21
CA LEU A 533 3.63 49.21 -2.43
C LEU A 533 2.53 50.25 -2.67
N ARG A 534 1.27 49.82 -2.54
CA ARG A 534 0.15 50.70 -2.79
C ARG A 534 0.29 51.96 -1.93
N GLU A 535 0.74 51.78 -0.68
CA GLU A 535 0.79 52.89 0.29
C GLU A 535 2.02 53.82 0.30
N LYS A 536 3.12 53.39 -0.31
CA LYS A 536 4.36 54.22 -0.42
C LYS A 536 4.49 54.90 -1.79
N LEU A 537 4.22 54.13 -2.85
CA LEU A 537 4.25 54.63 -4.21
C LEU A 537 3.10 55.60 -4.51
N ASN A 538 3.48 56.77 -5.05
CA ASN A 538 2.59 57.77 -5.64
C ASN A 538 1.48 57.15 -6.53
N PRO A 539 0.20 57.29 -6.12
CA PRO A 539 -0.91 56.62 -6.83
C PRO A 539 -0.97 56.89 -8.35
N GLU A 540 -0.38 58.00 -8.80
CA GLU A 540 -0.35 58.34 -10.22
C GLU A 540 0.78 57.61 -10.97
N ILE A 541 1.94 57.43 -10.32
CA ILE A 541 2.98 56.50 -10.81
C ILE A 541 2.48 55.06 -10.94
N LEU A 542 1.77 54.57 -9.92
CA LEU A 542 1.18 53.24 -9.92
C LEU A 542 0.35 53.01 -11.18
N LYS A 543 -0.49 54.00 -11.50
CA LYS A 543 -1.45 53.92 -12.58
C LYS A 543 -0.74 53.77 -13.93
N ARG A 544 0.25 54.61 -14.14
CA ARG A 544 1.12 54.51 -15.29
C ARG A 544 1.71 53.10 -15.43
N ILE A 545 2.65 52.77 -14.54
CA ILE A 545 3.49 51.57 -14.67
C ILE A 545 2.76 50.23 -14.44
N GLU A 546 1.64 50.28 -13.72
CA GLU A 546 0.83 49.09 -13.42
C GLU A 546 0.87 48.01 -14.54
N LYS A 547 0.69 48.43 -15.80
CA LYS A 547 0.62 47.50 -16.93
C LYS A 547 1.96 46.86 -17.21
N GLU A 548 3.02 47.66 -17.21
CA GLU A 548 4.38 47.17 -17.47
C GLU A 548 4.89 46.25 -16.34
N LEU A 549 4.48 46.54 -15.10
CA LEU A 549 4.84 45.73 -13.95
C LEU A 549 4.30 44.29 -14.04
N ILE A 550 3.07 44.14 -14.50
CA ILE A 550 2.46 42.82 -14.72
C ILE A 550 3.09 42.03 -15.91
N GLU A 551 3.53 42.74 -16.94
CA GLU A 551 4.18 42.12 -18.09
C GLU A 551 5.62 41.67 -17.76
N LYS A 552 6.30 42.46 -16.93
CA LYS A 552 7.72 42.28 -16.69
C LYS A 552 8.07 41.55 -15.37
N GLY A 553 7.18 41.60 -14.38
CA GLY A 553 7.39 40.97 -13.08
C GLY A 553 8.34 41.68 -12.12
N SER A 554 8.76 42.88 -12.44
CA SER A 554 9.69 43.63 -11.60
C SER A 554 9.51 45.11 -11.94
N LEU A 555 9.95 45.98 -11.03
CA LEU A 555 10.00 47.40 -11.28
C LEU A 555 11.34 47.86 -11.87
N LYS A 556 12.35 46.99 -11.89
CA LYS A 556 13.77 47.35 -12.14
C LYS A 556 14.08 48.10 -13.44
N ASP A 557 13.41 47.71 -14.53
CA ASP A 557 13.62 48.35 -15.82
C ASP A 557 12.36 49.10 -16.23
N ILE A 558 11.65 49.66 -15.25
CA ILE A 558 10.54 50.54 -15.54
C ILE A 558 11.01 52.00 -15.40
N PRO A 559 10.76 52.82 -16.46
CA PRO A 559 11.15 54.22 -16.48
C PRO A 559 10.34 55.07 -15.49
N ASP A 560 11.01 56.05 -14.89
CA ASP A 560 10.38 57.06 -14.04
C ASP A 560 9.68 56.50 -12.80
N VAL A 561 10.29 55.47 -12.20
CA VAL A 561 9.99 55.06 -10.81
C VAL A 561 11.28 55.28 -10.01
N PRO A 562 11.21 56.08 -8.94
CA PRO A 562 12.38 56.51 -8.17
C PRO A 562 13.24 55.34 -7.73
N GLU A 563 14.54 55.57 -7.66
CA GLU A 563 15.48 54.50 -7.40
C GLU A 563 15.14 53.78 -6.10
N LYS A 564 14.96 54.53 -5.02
CA LYS A 564 14.68 53.95 -3.69
C LYS A 564 13.49 53.01 -3.62
N ILE A 565 12.49 53.21 -4.48
CA ILE A 565 11.37 52.29 -4.57
C ILE A 565 11.78 50.98 -5.30
N LYS A 566 12.60 51.09 -6.34
CA LYS A 566 13.13 49.91 -7.02
C LYS A 566 14.04 49.04 -6.08
N LYS A 567 14.82 49.69 -5.21
CA LYS A 567 15.78 48.97 -4.40
C LYS A 567 15.08 48.28 -3.22
N VAL A 568 14.04 48.93 -2.69
CA VAL A 568 13.23 48.42 -1.58
C VAL A 568 12.22 47.32 -2.00
N PHE A 569 11.50 47.56 -3.09
CA PHE A 569 10.42 46.70 -3.55
C PHE A 569 10.95 45.73 -4.58
N VAL A 570 11.90 44.93 -4.11
CA VAL A 570 12.42 43.80 -4.85
C VAL A 570 11.54 42.57 -4.73
N VAL A 571 11.50 41.80 -5.82
CA VAL A 571 10.86 40.49 -5.83
C VAL A 571 11.88 39.33 -5.84
N ALA A 572 11.39 38.10 -5.70
CA ALA A 572 12.22 36.91 -5.71
C ALA A 572 13.33 36.92 -6.79
N LEU A 573 12.94 37.23 -8.03
CA LEU A 573 13.90 37.17 -9.15
C LEU A 573 14.84 38.37 -9.35
N ASP A 574 14.57 39.51 -8.68
CA ASP A 574 15.54 40.62 -8.53
C ASP A 574 16.69 40.28 -7.57
N ILE A 575 16.48 39.26 -6.74
CA ILE A 575 17.42 38.91 -5.66
C ILE A 575 18.27 37.77 -6.21
N ASP A 576 19.57 37.93 -6.27
CA ASP A 576 20.37 36.89 -6.92
C ASP A 576 20.45 35.69 -6.00
N PRO A 577 20.78 34.51 -6.55
CA PRO A 577 20.97 33.28 -5.74
C PRO A 577 21.76 33.38 -4.42
N MET A 578 22.90 34.06 -4.39
CA MET A 578 23.65 34.15 -3.12
C MET A 578 22.94 34.90 -2.01
N ASP A 579 22.19 35.94 -2.40
CA ASP A 579 21.46 36.77 -1.46
C ASP A 579 20.28 36.00 -0.86
N HIS A 580 19.58 35.17 -1.66
CA HIS A 580 18.67 34.14 -1.18
C HIS A 580 19.35 33.23 -0.12
N LEU A 581 20.51 32.64 -0.52
CA LEU A 581 21.27 31.68 0.31
C LEU A 581 21.69 32.26 1.65
N LEU A 582 22.21 33.48 1.60
CA LEU A 582 22.70 34.16 2.79
C LEU A 582 21.54 34.59 3.71
N MET A 583 20.35 34.84 3.16
CA MET A 583 19.22 35.14 4.00
C MET A 583 18.82 33.88 4.78
N GLN A 584 18.80 32.74 4.10
CA GLN A 584 18.59 31.43 4.77
C GLN A 584 19.60 31.25 5.90
N ASP A 585 20.88 31.47 5.59
CA ASP A 585 21.91 31.31 6.61
C ASP A 585 21.60 32.19 7.84
N ALA A 586 21.19 33.44 7.61
CA ALA A 586 20.98 34.41 8.67
C ALA A 586 19.92 33.91 9.64
N PHE A 587 18.79 33.46 9.07
CA PHE A 587 17.70 32.85 9.87
C PHE A 587 18.07 31.52 10.56
N GLN A 588 18.78 30.63 9.88
CA GLN A 588 19.11 29.28 10.38
C GLN A 588 20.03 29.36 11.58
N ARG A 589 20.76 30.46 11.67
CA ARG A 589 21.67 30.61 12.81
C ARG A 589 20.90 30.67 14.09
N TYR A 590 19.58 30.96 14.00
CA TYR A 590 18.71 31.14 15.20
C TYR A 590 17.40 30.36 15.17
N VAL A 591 17.43 29.28 14.40
CA VAL A 591 16.38 28.27 14.36
C VAL A 591 16.99 26.91 14.73
N ASP A 592 16.34 26.24 15.68
CA ASP A 592 16.74 24.90 16.16
C ASP A 592 16.24 23.76 15.26
N ASN A 593 15.15 23.98 14.52
CA ASN A 593 14.78 23.08 13.43
C ASN A 593 15.45 23.58 12.14
N ASN A 594 14.84 23.34 10.97
CA ASN A 594 15.42 23.79 9.70
C ASN A 594 14.61 24.94 9.11
N ILE A 595 14.82 25.20 7.81
CA ILE A 595 14.19 26.31 7.10
C ILE A 595 13.74 25.93 5.70
N SER A 596 12.49 26.30 5.42
CA SER A 596 11.91 26.32 4.06
C SER A 596 12.35 27.60 3.30
N LYS A 597 13.28 27.44 2.37
CA LYS A 597 13.78 28.52 1.51
C LYS A 597 14.02 27.99 0.08
N THR A 598 13.33 28.53 -0.93
CA THR A 598 13.67 28.25 -2.34
C THR A 598 14.83 29.15 -2.81
N ILE A 599 15.96 28.56 -3.22
CA ILE A 599 17.00 29.35 -3.89
C ILE A 599 16.62 29.57 -5.39
N ASN A 600 15.93 30.69 -5.62
CA ASN A 600 15.41 31.09 -6.94
C ASN A 600 16.60 31.44 -7.80
N MET A 601 16.59 31.00 -9.03
CA MET A 601 17.72 31.27 -9.89
C MET A 601 17.20 31.74 -11.24
N PRO A 602 17.92 32.69 -11.90
CA PRO A 602 17.44 33.29 -13.15
C PRO A 602 17.51 32.23 -14.25
N GLN A 603 16.73 32.40 -15.31
CA GLN A 603 16.60 31.38 -16.37
C GLN A 603 17.94 31.11 -17.02
N SER A 604 18.73 32.18 -17.07
CA SER A 604 20.09 32.20 -17.60
C SER A 604 21.17 31.63 -16.69
N ALA A 605 20.79 31.03 -15.57
CA ALA A 605 21.75 30.37 -14.67
C ALA A 605 22.25 29.11 -15.36
N THR A 606 23.49 28.76 -15.09
CA THR A 606 24.08 27.54 -15.61
C THR A 606 24.07 26.46 -14.51
N VAL A 607 24.32 25.22 -14.90
CA VAL A 607 24.59 24.15 -13.93
C VAL A 607 25.75 24.49 -13.00
N ASP A 608 26.82 25.12 -13.51
CA ASP A 608 27.89 25.62 -12.62
C ASP A 608 27.40 26.66 -11.61
N ASP A 609 26.46 27.51 -11.99
CA ASP A 609 25.89 28.44 -11.04
C ASP A 609 25.21 27.68 -9.88
N VAL A 610 24.47 26.61 -10.19
CA VAL A 610 23.83 25.71 -9.20
C VAL A 610 24.89 25.08 -8.29
N LEU A 611 25.92 24.45 -8.90
CA LEU A 611 27.09 23.94 -8.17
C LEU A 611 27.73 24.89 -7.16
N ASN A 612 27.89 26.15 -7.57
CA ASN A 612 28.43 27.20 -6.73
C ASN A 612 27.52 27.54 -5.55
N VAL A 613 26.21 27.48 -5.75
CA VAL A 613 25.25 27.63 -4.64
C VAL A 613 25.42 26.50 -3.62
N TYR A 614 25.48 25.26 -4.11
CA TYR A 614 25.76 24.09 -3.29
C TYR A 614 27.07 24.24 -2.50
N LEU A 615 28.14 24.66 -3.17
CA LEU A 615 29.42 24.83 -2.46
C LEU A 615 29.31 25.90 -1.42
N GLU A 616 28.68 27.02 -1.76
CA GLU A 616 28.45 28.07 -0.76
C GLU A 616 27.60 27.56 0.39
N ALA A 617 26.56 26.78 0.06
CA ALA A 617 25.67 26.16 1.03
C ALA A 617 26.46 25.39 2.08
N LEU A 618 27.49 24.66 1.61
CA LEU A 618 28.37 23.83 2.46
C LEU A 618 29.24 24.66 3.39
N ARG A 619 29.49 25.91 3.00
CA ARG A 619 30.28 26.82 3.86
C ARG A 619 29.42 27.58 4.90
N THR A 620 28.13 27.75 4.63
CA THR A 620 27.24 28.49 5.48
C THR A 620 26.61 27.52 6.48
N ASN A 621 25.55 27.97 7.19
CA ASN A 621 24.97 27.19 8.29
C ASN A 621 23.65 26.54 7.95
N VAL A 622 23.27 26.64 6.69
CA VAL A 622 22.03 26.06 6.18
C VAL A 622 22.08 24.55 6.41
N ARG A 623 20.89 23.99 6.64
CA ARG A 623 20.72 22.54 6.91
C ARG A 623 20.21 21.77 5.67
N GLY A 624 19.96 22.49 4.58
CA GLY A 624 19.38 21.86 3.41
C GLY A 624 19.30 22.89 2.30
N ILE A 625 19.09 22.39 1.08
CA ILE A 625 19.03 23.24 -0.11
C ILE A 625 17.86 22.91 -1.04
N THR A 626 17.12 23.95 -1.45
CA THR A 626 16.16 23.83 -2.56
C THR A 626 16.50 24.90 -3.57
N VAL A 627 16.65 24.52 -4.83
CA VAL A 627 16.82 25.51 -5.92
C VAL A 627 15.61 25.50 -6.88
N ARG A 629 15.08 27.34 -10.39
CA ARG A 629 15.45 28.01 -11.66
C ARG A 629 14.22 28.39 -12.48
N ASP A 630 14.02 29.69 -12.62
CA ASP A 630 12.90 30.24 -13.35
C ASP A 630 12.91 29.69 -14.79
N GLY A 631 11.72 29.34 -15.27
CA GLY A 631 11.57 28.74 -16.60
C GLY A 631 11.86 27.24 -16.70
N SER A 632 12.36 26.60 -15.64
CA SER A 632 12.67 25.18 -15.76
C SER A 632 11.45 24.24 -15.74
N LEU A 633 10.46 24.48 -14.90
CA LEU A 633 9.27 23.63 -14.95
C LEU A 633 8.13 24.26 -15.77
N MET B 1 -6.37 -53.87 -10.16
CA MET B 1 -4.93 -53.90 -9.95
C MET B 1 -4.62 -53.17 -8.62
N LYS B 2 -3.79 -53.77 -7.77
CA LYS B 2 -3.44 -53.09 -6.52
C LYS B 2 -2.65 -51.82 -6.84
N LEU B 3 -2.77 -50.81 -6.00
CA LEU B 3 -1.98 -49.59 -6.21
C LEU B 3 -0.48 -49.89 -6.23
N SER B 4 -0.01 -50.78 -5.35
CA SER B 4 1.43 -51.16 -5.35
C SER B 4 1.91 -51.68 -6.71
N ASP B 5 1.02 -52.35 -7.46
CA ASP B 5 1.35 -52.85 -8.81
C ASP B 5 1.42 -51.70 -9.79
N LEU B 6 0.43 -50.81 -9.72
CA LEU B 6 0.45 -49.63 -10.60
C LEU B 6 1.66 -48.76 -10.31
N ILE B 7 2.00 -48.63 -9.02
CA ILE B 7 3.22 -47.91 -8.63
C ILE B 7 4.48 -48.47 -9.32
N SER B 8 4.65 -49.80 -9.27
CA SER B 8 5.76 -50.53 -9.93
C SER B 8 5.88 -50.23 -11.42
N ARG B 9 4.76 -49.96 -12.07
CA ARG B 9 4.67 -49.66 -13.51
C ARG B 9 5.15 -48.27 -13.90
N TRP B 10 5.00 -47.33 -12.97
CA TRP B 10 5.40 -45.94 -13.22
C TRP B 10 6.61 -45.46 -12.42
N ILE B 11 6.86 -46.06 -11.27
CA ILE B 11 7.87 -45.54 -10.35
C ILE B 11 9.26 -45.32 -10.97
N ASP B 12 9.61 -46.10 -12.00
CA ASP B 12 10.95 -45.98 -12.59
C ASP B 12 10.93 -45.39 -13.99
N VAL B 13 9.75 -44.92 -14.38
CA VAL B 13 9.58 -44.14 -15.59
C VAL B 13 10.02 -42.72 -15.30
N GLU B 14 11.02 -42.27 -16.03
CA GLU B 14 11.71 -41.04 -15.71
C GLU B 14 11.00 -39.82 -16.32
N PRO B 15 10.93 -38.72 -15.56
CA PRO B 15 10.37 -37.54 -16.20
C PRO B 15 11.04 -37.37 -17.56
N SER B 16 10.30 -36.83 -18.53
CA SER B 16 10.84 -36.50 -19.85
C SER B 16 11.86 -35.38 -19.76
N LYS B 17 12.63 -35.17 -20.84
CA LYS B 17 13.54 -34.02 -20.96
C LYS B 17 12.87 -32.65 -20.73
N ASN B 18 11.65 -32.44 -21.27
CA ASN B 18 10.85 -31.19 -21.05
C ASN B 18 10.63 -31.00 -19.54
N ALA B 19 10.09 -32.03 -18.88
CA ALA B 19 9.81 -32.02 -17.45
C ALA B 19 11.06 -31.75 -16.61
N GLN B 20 12.19 -32.36 -16.99
CA GLN B 20 13.43 -32.23 -16.23
C GLN B 20 13.96 -30.79 -16.23
N ILE B 21 13.73 -30.05 -17.32
CA ILE B 21 14.17 -28.69 -17.42
C ILE B 21 13.43 -27.87 -16.43
N ILE B 22 12.11 -28.07 -16.40
CA ILE B 22 11.18 -27.37 -15.52
C ILE B 22 11.55 -27.58 -14.05
N LEU B 23 11.87 -28.83 -13.74
CA LEU B 23 12.25 -29.24 -12.40
C LEU B 23 13.56 -28.58 -11.96
N ARG B 24 14.52 -28.55 -12.86
CA ARG B 24 15.79 -27.93 -12.60
C ARG B 24 15.62 -26.43 -12.44
N ASP B 25 14.82 -25.83 -13.31
CA ASP B 25 14.65 -24.37 -13.31
C ASP B 25 14.03 -23.86 -12.04
N ARG B 26 13.02 -24.55 -11.48
CA ARG B 26 12.32 -24.00 -10.30
C ARG B 26 11.95 -24.95 -9.15
N TYR B 27 12.12 -26.26 -9.32
CA TYR B 27 11.67 -27.19 -8.26
C TYR B 27 12.80 -27.81 -7.42
N PHE B 28 13.89 -28.22 -8.07
CA PHE B 28 15.05 -28.74 -7.35
C PHE B 28 15.58 -27.71 -6.34
N MET B 29 15.71 -28.13 -5.09
CA MET B 29 16.14 -27.22 -4.01
C MET B 29 17.60 -26.82 -4.23
N LYS B 30 17.94 -25.61 -3.84
CA LYS B 30 19.29 -25.08 -3.98
C LYS B 30 19.67 -24.48 -2.65
N ASP B 31 20.98 -24.43 -2.38
CA ASP B 31 21.47 -23.72 -1.18
C ASP B 31 21.64 -22.22 -1.45
N LEU B 32 21.96 -21.47 -0.40
CA LEU B 32 22.21 -20.04 -0.44
C LEU B 32 23.21 -19.65 -1.53
N ASP B 33 24.13 -20.56 -1.87
CA ASP B 33 25.14 -20.25 -2.86
C ASP B 33 24.73 -20.56 -4.31
N GLY B 34 23.59 -21.24 -4.49
CA GLY B 34 23.05 -21.53 -5.82
C GLY B 34 23.43 -22.90 -6.35
N ASN B 35 24.05 -23.72 -5.50
CA ASN B 35 24.34 -25.12 -5.82
C ASN B 35 23.06 -25.94 -5.65
N TYR B 36 22.83 -26.90 -6.53
CA TYR B 36 21.74 -27.85 -6.36
C TYR B 36 21.92 -28.81 -5.18
N LEU B 37 20.94 -28.85 -4.28
CA LEU B 37 20.82 -29.91 -3.28
C LEU B 37 20.05 -31.13 -3.82
N GLU B 38 19.33 -30.95 -4.94
CA GLU B 38 18.50 -32.01 -5.50
C GLU B 38 18.77 -31.97 -6.99
N THR B 39 18.98 -33.14 -7.59
CA THR B 39 19.33 -33.19 -9.02
C THR B 39 18.36 -34.08 -9.80
N LYS B 40 17.46 -34.73 -9.08
CA LYS B 40 16.40 -35.48 -9.72
C LYS B 40 15.07 -35.55 -8.96
N TRP B 41 14.01 -35.83 -9.72
CA TRP B 41 12.64 -35.86 -9.24
C TRP B 41 12.51 -36.65 -7.93
N GLU B 42 13.20 -37.78 -7.88
CA GLU B 42 13.20 -38.63 -6.68
C GLU B 42 13.68 -37.93 -5.41
N ASP B 43 14.64 -37.01 -5.55
CA ASP B 43 15.08 -36.17 -4.43
C ASP B 43 13.90 -35.30 -3.92
N VAL B 44 13.15 -34.69 -4.84
CA VAL B 44 11.93 -33.88 -4.48
C VAL B 44 10.93 -34.78 -3.77
N ALA B 45 10.64 -35.94 -4.36
CA ALA B 45 9.64 -36.87 -3.79
C ALA B 45 10.02 -37.36 -2.39
N ARG B 46 11.31 -37.60 -2.19
CA ARG B 46 11.90 -37.96 -0.88
C ARG B 46 11.60 -36.87 0.14
N ARG B 47 12.03 -35.64 -0.18
CA ARG B 47 11.87 -34.49 0.74
C ARG B 47 10.42 -34.20 1.05
N VAL B 48 9.57 -34.17 0.02
CA VAL B 48 8.18 -33.79 0.23
C VAL B 48 7.48 -34.85 1.07
N ALA B 49 7.62 -36.11 0.65
CA ALA B 49 7.05 -37.23 1.37
C ALA B 49 7.42 -37.26 2.87
N ARG B 50 8.72 -37.09 3.16
CA ARG B 50 9.23 -37.06 4.54
C ARG B 50 8.62 -35.95 5.38
N VAL B 51 8.66 -34.72 4.85
CA VAL B 51 8.04 -33.56 5.52
C VAL B 51 6.55 -33.77 5.80
N VAL B 52 5.82 -34.34 4.83
CA VAL B 52 4.33 -34.42 4.99
C VAL B 52 3.95 -35.56 5.93
N ALA B 53 4.76 -36.63 5.88
CA ALA B 53 4.64 -37.77 6.78
C ALA B 53 4.83 -37.34 8.21
N THR B 54 5.73 -36.37 8.40
CA THR B 54 6.01 -35.81 9.75
C THR B 54 4.74 -35.40 10.51
N ALA B 55 3.70 -34.97 9.77
CA ALA B 55 2.43 -34.63 10.39
C ALA B 55 1.81 -35.78 11.22
N GLU B 56 2.23 -37.03 10.96
CA GLU B 56 1.75 -38.14 11.79
C GLU B 56 2.29 -38.13 13.27
N LEU B 57 3.36 -37.38 13.53
CA LEU B 57 3.71 -36.97 14.88
C LEU B 57 2.48 -36.55 15.70
N LEU B 58 1.56 -35.81 15.08
CA LEU B 58 0.40 -35.23 15.78
C LEU B 58 -0.79 -36.18 15.94
N ASN B 59 -0.70 -37.36 15.33
CA ASN B 59 -1.79 -38.32 15.30
C ASN B 59 -2.06 -38.91 16.71
N PRO B 60 -3.23 -38.59 17.31
CA PRO B 60 -3.46 -39.09 18.68
C PRO B 60 -3.77 -40.60 18.71
N SER B 61 -4.04 -41.19 17.56
CA SER B 61 -4.36 -42.61 17.51
C SER B 61 -3.12 -43.48 17.63
N TYR B 62 -1.95 -42.86 17.47
CA TYR B 62 -0.70 -43.59 17.61
C TYR B 62 -0.16 -43.46 19.02
N LYS B 63 0.26 -44.59 19.58
CA LYS B 63 1.08 -44.56 20.78
C LYS B 63 2.44 -44.00 20.33
N LYS B 64 3.26 -43.56 21.30
CA LYS B 64 4.64 -43.19 20.98
C LYS B 64 5.43 -44.43 20.56
N ASN B 65 5.07 -45.56 21.18
CA ASN B 65 5.67 -46.88 20.92
C ASN B 65 5.06 -47.56 19.69
N GLU B 66 5.13 -46.87 18.57
CA GLU B 66 4.39 -47.22 17.34
C GLU B 66 4.56 -46.09 16.31
N LYS B 67 4.66 -44.85 16.81
CA LYS B 67 4.72 -43.64 15.98
C LYS B 67 5.79 -43.69 14.90
N LEU B 68 7.02 -44.09 15.26
CA LEU B 68 8.12 -44.18 14.30
C LEU B 68 7.76 -45.06 13.09
N ASP B 69 7.32 -46.29 13.34
CA ASP B 69 6.98 -47.22 12.26
C ASP B 69 5.82 -46.71 11.40
N ARG B 70 4.81 -46.12 12.03
CA ARG B 70 3.70 -45.47 11.35
C ARG B 70 4.16 -44.36 10.42
N ILE B 71 4.94 -43.42 10.96
CA ILE B 71 5.45 -42.28 10.17
C ILE B 71 6.24 -42.78 8.96
N LYS B 72 7.07 -43.79 9.18
CA LYS B 72 7.91 -44.37 8.13
C LYS B 72 7.10 -45.05 7.02
N GLU B 73 5.95 -45.58 7.38
CA GLU B 73 5.05 -46.23 6.45
C GLU B 73 4.38 -45.23 5.55
N TRP B 74 3.92 -44.13 6.15
CA TRP B 74 3.42 -42.99 5.43
C TRP B 74 4.48 -42.33 4.58
N GLU B 75 5.68 -42.10 5.12
CA GLU B 75 6.70 -41.51 4.27
C GLU B 75 6.89 -42.32 2.99
N ASP B 76 6.94 -43.65 3.16
CA ASP B 76 7.18 -44.60 2.09
C ASP B 76 6.03 -44.64 1.04
N ILE B 77 4.78 -44.77 1.49
CA ILE B 77 3.68 -44.72 0.52
C ILE B 77 3.60 -43.36 -0.22
N PHE B 78 3.63 -42.23 0.53
CA PHE B 78 3.79 -40.89 -0.05
C PHE B 78 4.94 -40.81 -1.06
N PHE B 79 6.11 -41.30 -0.67
CA PHE B 79 7.29 -41.26 -1.55
C PHE B 79 7.05 -42.00 -2.84
N ARG B 80 6.50 -43.19 -2.73
CA ARG B 80 6.23 -44.04 -3.90
C ARG B 80 5.23 -43.44 -4.88
N VAL B 81 4.06 -43.00 -4.41
CA VAL B 81 3.08 -42.31 -5.29
C VAL B 81 3.61 -41.02 -5.97
N LEU B 82 4.43 -40.26 -5.26
CA LEU B 82 4.98 -39.02 -5.77
C LEU B 82 6.03 -39.34 -6.79
N LYS B 83 6.86 -40.34 -6.50
CA LYS B 83 7.96 -40.67 -7.40
C LYS B 83 7.36 -41.21 -8.70
N ALA B 84 6.31 -42.03 -8.57
CA ALA B 84 5.58 -42.56 -9.71
C ALA B 84 4.81 -41.51 -10.48
N ARG B 85 4.60 -40.35 -9.84
CA ARG B 85 3.92 -39.21 -10.41
C ARG B 85 2.44 -39.55 -10.66
N LEU B 86 1.85 -40.19 -9.69
CA LEU B 86 0.47 -40.64 -9.78
C LEU B 86 -0.42 -39.61 -9.09
N PHE B 87 0.17 -38.92 -8.10
CA PHE B 87 -0.44 -37.79 -7.40
C PHE B 87 0.69 -36.79 -7.15
N ILE B 88 0.51 -35.53 -7.54
CA ILE B 88 1.48 -34.43 -7.29
C ILE B 88 0.73 -33.27 -6.63
N PRO B 89 1.22 -32.80 -5.43
CA PRO B 89 0.62 -31.63 -4.76
C PRO B 89 0.88 -30.33 -5.53
N ASN B 90 0.13 -29.28 -5.18
CA ASN B 90 0.40 -27.95 -5.75
C ASN B 90 1.82 -27.52 -5.51
N SER B 91 2.35 -26.75 -6.44
CA SER B 91 3.73 -26.30 -6.53
C SER B 91 4.32 -25.78 -5.24
N PRO B 92 3.59 -24.94 -4.48
CA PRO B 92 4.21 -24.51 -3.25
C PRO B 92 4.68 -25.63 -2.36
N THR B 93 4.03 -26.77 -2.44
CA THR B 93 4.38 -27.91 -1.58
C THR B 93 5.75 -28.43 -2.04
N LEU B 94 5.95 -28.48 -3.34
CA LEU B 94 7.21 -28.90 -3.95
C LEU B 94 8.33 -27.93 -3.68
N PHE B 95 8.05 -26.62 -3.80
CA PHE B 95 9.06 -25.61 -3.63
C PHE B 95 9.49 -25.54 -2.16
N ASN B 96 8.52 -25.61 -1.25
CA ASN B 96 8.75 -25.15 0.12
C ASN B 96 8.84 -26.18 1.23
N ALA B 97 8.48 -27.43 0.93
CA ALA B 97 8.61 -28.52 1.92
C ALA B 97 10.07 -28.66 2.36
N GLY B 98 10.29 -28.48 3.65
CA GLY B 98 11.62 -28.70 4.22
C GLY B 98 12.45 -27.46 4.42
N LEU B 99 11.86 -26.28 4.19
CA LEU B 99 12.60 -25.04 4.36
C LEU B 99 12.77 -24.77 5.86
N GLY B 100 14.02 -24.50 6.24
CA GLY B 100 14.34 -24.34 7.66
C GLY B 100 14.98 -25.57 8.28
N VAL B 101 14.94 -26.69 7.57
CA VAL B 101 15.29 -27.99 8.13
C VAL B 101 16.71 -28.32 7.69
N LYS B 102 17.52 -28.86 8.62
CA LYS B 102 18.89 -29.32 8.32
C LYS B 102 18.88 -30.21 7.09
N HIS B 103 19.74 -29.90 6.14
CA HIS B 103 19.88 -30.62 4.90
C HIS B 103 20.29 -32.09 5.08
N ASP B 104 20.86 -32.45 6.23
CA ASP B 104 21.13 -33.86 6.44
C ASP B 104 19.87 -34.66 6.81
N LEU B 105 18.78 -34.01 7.17
CA LEU B 105 17.59 -34.76 7.55
C LEU B 105 16.60 -35.01 6.42
N LEU B 106 16.70 -34.26 5.33
CA LEU B 106 15.65 -34.24 4.31
C LEU B 106 15.76 -35.35 3.26
N TRP B 107 17.00 -35.77 2.95
CA TRP B 107 17.19 -36.81 1.95
C TRP B 107 17.82 -38.06 2.52
N LYS B 108 17.93 -38.14 3.84
CA LYS B 108 18.61 -39.27 4.46
C LYS B 108 17.74 -40.53 4.28
N PRO B 109 18.38 -41.73 4.27
CA PRO B 109 17.57 -42.91 3.98
C PRO B 109 16.54 -43.13 5.10
N ILE B 110 15.34 -43.53 4.69
CA ILE B 110 14.22 -43.73 5.61
C ILE B 110 14.50 -44.74 6.75
N ASP B 111 15.34 -45.73 6.48
CA ASP B 111 15.68 -46.73 7.51
C ASP B 111 16.57 -46.15 8.61
N GLN B 112 17.31 -45.09 8.31
CA GLN B 112 18.12 -44.40 9.34
C GLN B 112 17.32 -43.39 10.19
N MET B 113 16.06 -43.20 9.85
CA MET B 113 15.24 -42.16 10.47
C MET B 113 14.85 -42.57 11.86
N THR B 114 15.01 -41.65 12.80
CA THR B 114 14.60 -41.91 14.17
C THR B 114 13.41 -41.02 14.45
N LEU B 115 12.71 -41.30 15.55
CA LEU B 115 11.66 -40.43 16.05
C LEU B 115 12.15 -38.98 16.30
N GLU B 116 13.42 -38.82 16.67
CA GLU B 116 13.98 -37.50 16.95
C GLU B 116 14.26 -36.75 15.65
N ASP B 117 14.64 -37.50 14.61
CA ASP B 117 14.82 -36.91 13.27
C ASP B 117 13.50 -36.27 12.78
N TYR B 118 12.39 -37.00 12.95
CA TYR B 118 11.08 -36.52 12.55
C TYR B 118 10.65 -35.31 13.36
N GLU B 119 10.86 -35.40 14.68
CA GLU B 119 10.57 -34.30 15.58
C GLU B 119 11.39 -33.04 15.30
N GLU B 120 12.62 -33.20 14.83
CA GLU B 120 13.47 -32.07 14.47
C GLU B 120 12.98 -31.38 13.18
N ILE B 121 12.58 -32.21 12.21
CA ILE B 121 11.96 -31.75 10.97
C ILE B 121 10.72 -30.92 11.29
N TYR B 122 9.83 -31.47 12.10
CA TYR B 122 8.67 -30.76 12.56
C TYR B 122 8.99 -29.38 13.20
N ARG B 123 9.95 -29.37 14.13
CA ARG B 123 10.34 -28.19 14.93
C ARG B 123 11.02 -27.07 14.12
N SER B 124 11.72 -27.45 13.05
CA SER B 124 12.58 -26.48 12.39
C SER B 124 12.04 -25.95 11.07
N ARG B 125 10.77 -26.21 10.80
CA ARG B 125 10.04 -25.55 9.74
C ARG B 125 10.04 -24.02 9.88
N ASN B 126 10.65 -23.31 8.94
CA ASN B 126 10.72 -21.84 9.04
C ASN B 126 9.47 -21.09 8.48
N HIS B 127 9.53 -19.76 8.53
CA HIS B 127 8.37 -18.88 8.29
C HIS B 127 8.05 -18.86 6.81
N LEU B 128 8.89 -19.52 6.02
CA LEU B 128 8.74 -19.60 4.59
C LEU B 128 8.22 -21.01 4.21
N HIS B 129 7.91 -21.81 5.23
CA HIS B 129 7.49 -23.19 4.98
C HIS B 129 6.01 -23.22 4.58
N MET B 130 5.69 -22.45 3.54
CA MET B 130 4.31 -22.25 3.11
C MET B 130 3.96 -23.14 1.93
N LEU B 131 2.96 -23.99 2.10
CA LEU B 131 2.77 -25.11 1.17
C LEU B 131 1.45 -25.11 0.35
N SER B 132 0.68 -24.04 0.48
CA SER B 132 -0.69 -23.87 -0.08
C SER B 132 -0.74 -22.84 -1.16
N ALA B 133 -1.43 -23.16 -2.25
CA ALA B 133 -1.54 -22.24 -3.37
C ALA B 133 -2.56 -21.08 -3.20
N CYS B 134 -3.66 -21.30 -2.46
CA CYS B 134 -4.87 -20.48 -2.64
C CYS B 134 -5.27 -19.71 -1.40
N PHE B 135 -5.45 -18.41 -1.55
CA PHE B 135 -5.72 -17.51 -0.44
C PHE B 135 -6.84 -16.52 -0.77
N VAL B 136 -7.64 -16.15 0.21
CA VAL B 136 -8.50 -14.99 0.03
C VAL B 136 -8.38 -14.14 1.30
N VAL B 137 -8.23 -12.84 1.12
CA VAL B 137 -8.33 -11.89 2.23
C VAL B 137 -9.47 -10.87 1.95
N PRO B 138 -10.15 -10.39 3.01
CA PRO B 138 -11.08 -9.26 2.84
C PRO B 138 -10.37 -7.94 2.53
N VAL B 139 -11.09 -7.05 1.84
CA VAL B 139 -10.65 -5.69 1.70
C VAL B 139 -11.79 -4.74 2.20
N GLY B 140 -11.76 -4.43 3.49
CA GLY B 140 -12.83 -3.61 4.09
C GLY B 140 -12.78 -2.12 3.75
N ASP B 141 -13.88 -1.43 4.02
CA ASP B 141 -14.10 -0.08 3.49
C ASP B 141 -13.49 1.04 4.36
N SER B 142 -12.18 0.97 4.62
CA SER B 142 -11.40 1.99 5.33
C SER B 142 -9.97 1.96 4.87
N ILE B 143 -9.29 3.11 4.93
CA ILE B 143 -7.89 3.22 4.60
C ILE B 143 -7.06 2.21 5.40
N GLU B 144 -7.38 2.06 6.66
CA GLU B 144 -6.72 1.10 7.53
C GLU B 144 -6.75 -0.32 6.94
N GLU B 145 -7.96 -0.78 6.61
CA GLU B 145 -8.20 -2.11 6.12
C GLU B 145 -7.69 -2.37 4.71
N ILE B 146 -7.85 -1.41 3.82
CA ILE B 146 -7.27 -1.48 2.45
C ILE B 146 -5.75 -1.68 2.40
N PHE B 147 -5.03 -0.99 3.28
CA PHE B 147 -3.58 -0.99 3.32
C PHE B 147 -3.01 -2.11 4.16
N GLU B 148 -3.81 -2.63 5.09
CA GLU B 148 -3.50 -3.93 5.71
C GLU B 148 -3.57 -5.05 4.68
N ALA B 149 -4.61 -4.99 3.82
CA ALA B 149 -4.83 -5.97 2.78
C ALA B 149 -3.72 -5.90 1.74
N VAL B 150 -3.31 -4.69 1.33
CA VAL B 150 -2.14 -4.52 0.43
C VAL B 150 -0.90 -5.16 1.09
N LYS B 151 -0.74 -4.97 2.40
CA LYS B 151 0.37 -5.59 3.14
C LYS B 151 0.27 -7.13 3.06
N GLU B 152 -0.88 -7.68 3.43
CA GLU B 152 -1.16 -9.11 3.27
C GLU B 152 -0.89 -9.69 1.87
N TYR B 153 -1.24 -8.94 0.83
CA TYR B 153 -0.99 -9.36 -0.54
C TYR B 153 0.52 -9.54 -0.74
N ALA B 154 1.29 -8.57 -0.27
CA ALA B 154 2.74 -8.61 -0.37
C ALA B 154 3.33 -9.79 0.39
N LEU B 155 2.89 -9.98 1.63
CA LEU B 155 3.38 -11.07 2.49
C LEU B 155 3.02 -12.45 1.92
N ILE B 156 1.76 -12.62 1.48
CA ILE B 156 1.31 -13.89 0.87
C ILE B 156 2.04 -14.16 -0.42
N THR B 157 2.18 -13.12 -1.25
CA THR B 157 2.91 -13.25 -2.51
C THR B 157 4.39 -13.65 -2.31
N LYS B 158 5.02 -13.06 -1.30
CA LYS B 158 6.40 -13.37 -0.94
C LYS B 158 6.63 -14.87 -0.76
N VAL B 159 5.81 -15.49 0.08
CA VAL B 159 5.91 -16.93 0.41
C VAL B 159 5.37 -17.89 -0.68
N GLY B 160 4.83 -17.35 -1.76
CA GLY B 160 4.44 -18.14 -2.88
C GLY B 160 2.97 -18.44 -3.06
N GLY B 161 2.10 -17.73 -2.33
CA GLY B 161 0.65 -17.93 -2.49
C GLY B 161 0.03 -17.05 -3.54
N GLY B 162 -1.13 -17.44 -4.07
CA GLY B 162 -1.93 -16.56 -4.92
C GLY B 162 -3.18 -16.13 -4.15
N VAL B 163 -3.51 -14.86 -4.21
CA VAL B 163 -4.51 -14.31 -3.33
C VAL B 163 -5.62 -13.62 -4.16
N GLY B 164 -6.88 -13.72 -3.70
CA GLY B 164 -7.99 -13.03 -4.34
C GLY B 164 -8.78 -12.21 -3.35
N SER B 165 -9.47 -11.16 -3.82
CA SER B 165 -10.42 -10.42 -3.00
C SER B 165 -11.65 -9.98 -3.77
N ASN B 166 -12.73 -9.88 -3.04
CA ASN B 166 -13.90 -9.21 -3.47
C ASN B 166 -13.74 -7.76 -2.95
N PHE B 167 -13.86 -6.82 -3.89
CA PHE B 167 -13.56 -5.41 -3.61
C PHE B 167 -14.80 -4.60 -3.31
N SER B 168 -15.94 -5.30 -3.31
CA SER B 168 -17.27 -4.69 -3.28
C SER B 168 -17.54 -3.88 -2.02
N GLU B 169 -16.83 -4.19 -0.91
CA GLU B 169 -16.99 -3.44 0.34
C GLU B 169 -16.58 -1.96 0.23
N LEU B 170 -15.75 -1.64 -0.78
CA LEU B 170 -15.24 -0.30 -1.02
C LEU B 170 -16.31 0.57 -1.68
N ARG B 171 -16.70 1.63 -0.98
CA ARG B 171 -17.77 2.52 -1.42
C ARG B 171 -17.40 3.08 -2.78
N PRO B 172 -18.39 3.30 -3.66
CA PRO B 172 -18.10 3.68 -5.05
C PRO B 172 -17.38 5.02 -5.21
N LYS B 173 -16.79 5.21 -6.41
CA LYS B 173 -16.07 6.41 -6.76
C LYS B 173 -17.00 7.59 -6.58
N GLY B 174 -16.48 8.64 -5.93
CA GLY B 174 -17.18 9.92 -5.73
C GLY B 174 -18.00 9.95 -4.47
N SER B 175 -18.10 8.83 -3.73
CA SER B 175 -18.90 8.81 -2.50
C SER B 175 -18.28 9.66 -1.41
N PHE B 176 -19.10 9.95 -0.39
CA PHE B 176 -18.72 10.85 0.68
C PHE B 176 -17.78 10.13 1.66
N VAL B 177 -16.62 10.72 1.91
CA VAL B 177 -15.71 10.32 2.99
C VAL B 177 -15.72 11.37 4.13
N ALA B 178 -16.07 10.93 5.34
CA ALA B 178 -16.14 11.79 6.52
C ALA B 178 -14.83 12.52 6.79
N GLY B 179 -13.75 11.77 6.81
CA GLY B 179 -12.44 12.35 7.07
C GLY B 179 -12.08 13.71 6.42
N THR B 180 -12.61 14.00 5.22
CA THR B 180 -12.00 14.97 4.25
C THR B 180 -12.96 15.93 3.53
N HIS B 181 -12.40 16.75 2.62
CA HIS B 181 -13.15 17.47 1.55
C HIS B 181 -13.14 16.67 0.23
N GLY B 182 -12.26 15.68 0.17
CA GLY B 182 -12.19 14.73 -0.95
C GLY B 182 -13.36 13.75 -0.95
N LYS B 183 -13.52 13.08 -2.08
CA LYS B 183 -14.54 12.05 -2.27
C LYS B 183 -13.79 10.70 -2.43
N ALA B 184 -14.51 9.58 -2.31
CA ALA B 184 -13.86 8.26 -2.38
C ALA B 184 -13.37 7.98 -3.77
N SER B 185 -12.20 7.35 -3.86
CA SER B 185 -11.59 7.01 -5.15
C SER B 185 -12.25 5.84 -5.89
N GLY B 186 -12.93 4.96 -5.15
CA GLY B 186 -13.55 3.78 -5.72
C GLY B 186 -12.72 2.51 -5.66
N PRO B 187 -13.40 1.33 -5.62
CA PRO B 187 -12.72 0.01 -5.64
C PRO B 187 -11.64 -0.10 -6.68
N VAL B 188 -11.93 0.33 -7.90
CA VAL B 188 -11.01 0.18 -9.03
C VAL B 188 -9.68 0.97 -8.90
N SER B 189 -9.76 2.20 -8.39
CA SER B 189 -8.56 2.99 -8.17
C SER B 189 -7.68 2.31 -7.15
N PHE B 190 -8.30 1.86 -6.07
CA PHE B 190 -7.63 1.09 -5.05
C PHE B 190 -7.00 -0.22 -5.57
N MET B 191 -7.67 -0.92 -6.48
CA MET B 191 -7.10 -2.13 -7.10
C MET B 191 -5.75 -1.88 -7.75
N HIS B 192 -5.50 -0.65 -8.23
CA HIS B 192 -4.17 -0.24 -8.77
C HIS B 192 -3.05 -0.22 -7.70
N VAL B 193 -3.41 0.15 -6.49
CA VAL B 193 -2.44 0.05 -5.45
C VAL B 193 -2.01 -1.40 -5.18
N PHE B 194 -2.97 -2.33 -5.17
CA PHE B 194 -2.64 -3.75 -4.99
C PHE B 194 -1.71 -4.21 -6.13
N ASN B 195 -1.99 -3.73 -7.34
CA ASN B 195 -1.24 -4.08 -8.52
C ASN B 195 0.20 -3.58 -8.52
N SER B 196 0.42 -2.33 -8.03
CA SER B 196 1.75 -1.73 -7.77
C SER B 196 2.55 -2.46 -6.72
N ALA B 197 1.90 -2.83 -5.61
CA ALA B 197 2.54 -3.56 -4.52
C ALA B 197 3.16 -4.80 -5.07
N ILE B 198 2.33 -5.62 -5.74
CA ILE B 198 2.70 -6.92 -6.31
C ILE B 198 3.71 -6.82 -7.44
N SER B 199 3.59 -5.76 -8.25
CA SER B 199 4.60 -5.52 -9.29
C SER B 199 6.02 -5.38 -8.74
N VAL B 200 6.18 -5.24 -7.43
CA VAL B 200 7.50 -5.15 -6.79
C VAL B 200 7.85 -6.41 -5.97
N VAL B 201 6.89 -7.28 -5.72
CA VAL B 201 7.20 -8.55 -5.10
C VAL B 201 7.33 -9.63 -6.20
N LYS B 202 6.49 -9.53 -7.22
CA LYS B 202 6.64 -10.30 -8.48
C LYS B 202 7.59 -9.63 -9.48
N ALA B 210 -2.34 -13.52 -11.90
CA ALA B 210 -1.68 -13.82 -10.58
C ALA B 210 -2.54 -13.47 -9.41
N LEU B 211 -3.43 -12.48 -9.57
CA LEU B 211 -4.30 -12.06 -8.45
C LEU B 211 -5.74 -12.21 -8.88
N MET B 212 -6.68 -12.42 -7.98
CA MET B 212 -8.08 -12.33 -8.37
C MET B 212 -8.68 -11.07 -7.73
N GLY B 213 -9.40 -10.31 -8.57
CA GLY B 213 -10.23 -9.18 -8.15
C GLY B 213 -11.65 -9.36 -8.60
N ILE B 214 -12.56 -9.47 -7.65
CA ILE B 214 -13.99 -9.58 -7.95
C ILE B 214 -14.71 -8.26 -7.54
N LEU B 215 -15.71 -7.86 -8.32
CA LEU B 215 -16.61 -6.79 -7.88
C LEU B 215 -18.01 -7.24 -8.28
N ASN B 216 -18.95 -7.16 -7.32
CA ASN B 216 -20.30 -7.66 -7.52
C ASN B 216 -21.03 -6.83 -8.56
N ILE B 217 -21.87 -7.53 -9.32
CA ILE B 217 -22.75 -6.99 -10.38
C ILE B 217 -23.63 -5.77 -9.96
N ASN B 218 -23.98 -5.64 -8.68
CA ASN B 218 -24.79 -4.53 -8.23
C ASN B 218 -24.03 -3.37 -7.53
N HIS B 219 -22.72 -3.31 -7.77
CA HIS B 219 -21.90 -2.24 -7.24
C HIS B 219 -22.00 -1.13 -8.28
N PRO B 220 -22.21 0.12 -7.82
CA PRO B 220 -22.31 1.27 -8.71
C PRO B 220 -21.13 1.45 -9.68
N ASP B 221 -19.92 1.00 -9.30
CA ASP B 221 -18.75 1.09 -10.18
C ASP B 221 -18.57 -0.10 -11.14
N ILE B 222 -19.56 -0.98 -11.21
CA ILE B 222 -19.41 -2.23 -11.98
C ILE B 222 -19.02 -2.05 -13.44
N GLU B 223 -19.53 -1.01 -14.10
CA GLU B 223 -19.26 -0.81 -15.50
C GLU B 223 -17.82 -0.38 -15.70
N GLU B 224 -17.33 0.41 -14.77
CA GLU B 224 -15.95 0.83 -14.78
C GLU B 224 -15.05 -0.40 -14.55
N PHE B 225 -15.45 -1.25 -13.59
CA PHE B 225 -14.77 -2.51 -13.34
C PHE B 225 -14.70 -3.41 -14.57
N ILE B 226 -15.84 -3.61 -15.23
CA ILE B 226 -15.92 -4.37 -16.46
C ILE B 226 -14.92 -3.86 -17.53
N ASP B 227 -14.81 -2.55 -17.67
CA ASP B 227 -13.91 -1.90 -18.62
C ASP B 227 -12.46 -1.76 -18.14
N ALA B 228 -12.18 -2.14 -16.89
CA ALA B 228 -10.92 -1.86 -16.21
C ALA B 228 -9.65 -2.30 -16.96
N LYS B 229 -9.69 -3.46 -17.61
CA LYS B 229 -8.51 -4.01 -18.31
C LYS B 229 -8.53 -3.80 -19.82
N LYS B 230 -9.51 -3.02 -20.28
CA LYS B 230 -9.63 -2.61 -21.68
C LYS B 230 -8.54 -1.59 -22.03
N VAL B 237 -3.35 -1.44 -16.63
CA VAL B 237 -2.52 -1.26 -15.41
C VAL B 237 -3.11 -2.05 -14.21
N LEU B 238 -3.94 -3.03 -14.59
CA LEU B 238 -4.32 -4.11 -13.71
C LEU B 238 -3.75 -5.38 -14.36
N ASN B 239 -2.50 -5.29 -14.78
CA ASN B 239 -1.80 -6.38 -15.47
C ASN B 239 -1.67 -7.66 -14.66
N PHE B 240 -1.55 -7.56 -13.34
CA PHE B 240 -1.51 -8.74 -12.46
C PHE B 240 -2.86 -9.28 -12.01
N PHE B 241 -3.94 -8.58 -12.32
CA PHE B 241 -5.28 -9.07 -11.93
C PHE B 241 -6.00 -9.92 -12.97
N ASN B 242 -6.54 -11.04 -12.52
CA ASN B 242 -7.66 -11.64 -13.21
C ASN B 242 -8.87 -10.98 -12.56
N LEU B 243 -9.88 -10.71 -13.36
CA LEU B 243 -11.02 -9.96 -12.93
C LEU B 243 -12.27 -10.76 -13.18
N SER B 244 -13.13 -10.87 -12.17
CA SER B 244 -14.38 -11.52 -12.36
C SER B 244 -15.52 -10.75 -11.80
N VAL B 245 -16.66 -10.79 -12.46
CA VAL B 245 -17.84 -10.16 -11.94
C VAL B 245 -18.50 -11.10 -10.93
N GLY B 246 -18.81 -10.63 -9.75
CA GLY B 246 -19.42 -11.50 -8.76
C GLY B 246 -20.93 -11.45 -8.80
N PHE B 247 -21.53 -12.63 -8.69
CA PHE B 247 -22.97 -12.79 -8.54
C PHE B 247 -23.32 -13.43 -7.21
N PRO B 248 -23.52 -12.61 -6.17
CA PRO B 248 -23.85 -13.13 -4.82
C PRO B 248 -25.29 -13.66 -4.70
N MET B 249 -26.14 -13.23 -5.62
CA MET B 249 -27.52 -13.67 -5.64
C MET B 249 -27.57 -15.04 -6.30
N ASP B 250 -28.72 -15.72 -6.15
CA ASP B 250 -28.96 -16.99 -6.79
C ASP B 250 -28.97 -16.79 -8.33
N LYS B 251 -28.41 -17.77 -9.03
CA LYS B 251 -28.25 -17.80 -10.48
C LYS B 251 -29.59 -17.75 -11.23
N LYS B 252 -30.58 -18.35 -10.57
CA LYS B 252 -31.99 -18.37 -10.98
C LYS B 252 -32.58 -16.98 -11.09
N GLU B 253 -32.36 -16.13 -10.08
CA GLU B 253 -32.86 -14.75 -10.08
C GLU B 253 -32.27 -13.98 -11.22
N ILE B 254 -30.96 -14.17 -11.44
CA ILE B 254 -30.24 -13.41 -12.44
C ILE B 254 -30.60 -13.80 -13.87
N LEU B 255 -30.72 -15.11 -14.12
CA LEU B 255 -31.24 -15.61 -15.38
C LEU B 255 -32.73 -15.15 -15.66
N LYS B 256 -33.60 -15.22 -14.64
CA LYS B 256 -34.96 -14.69 -14.65
C LYS B 256 -35.07 -13.20 -15.04
N LEU B 257 -34.30 -12.36 -14.33
CA LEU B 257 -34.14 -10.93 -14.64
C LEU B 257 -33.68 -10.70 -16.07
N TYR B 258 -32.74 -11.52 -16.54
CA TYR B 258 -32.27 -11.35 -17.92
C TYR B 258 -33.42 -11.66 -18.94
N GLU B 259 -34.13 -12.75 -18.69
CA GLU B 259 -35.17 -13.25 -19.59
C GLU B 259 -36.38 -12.33 -19.65
N GLU B 260 -36.64 -11.66 -18.52
CA GLU B 260 -37.68 -10.67 -18.37
C GLU B 260 -37.24 -9.25 -18.74
N ASP B 261 -36.04 -9.14 -19.32
CA ASP B 261 -35.44 -7.86 -19.66
C ASP B 261 -35.56 -6.89 -18.49
N GLY B 262 -35.34 -7.39 -17.29
CA GLY B 262 -35.36 -6.56 -16.12
C GLY B 262 -34.13 -5.68 -15.92
N GLU B 263 -34.22 -4.92 -14.83
CA GLU B 263 -33.29 -3.90 -14.44
C GLU B 263 -32.67 -4.26 -13.12
N LEU B 264 -31.42 -3.84 -12.94
CA LEU B 264 -30.75 -4.10 -11.70
C LEU B 264 -30.48 -2.78 -11.01
N GLU B 265 -30.67 -2.77 -9.71
CA GLU B 265 -30.37 -1.62 -8.90
C GLU B 265 -28.92 -1.65 -8.38
N LEU B 266 -28.06 -0.80 -8.94
CA LEU B 266 -26.69 -0.60 -8.47
C LEU B 266 -26.74 0.33 -7.29
N SER B 267 -26.32 -0.17 -6.14
CA SER B 267 -26.26 0.62 -4.92
C SER B 267 -25.16 0.12 -3.97
N HIS B 268 -24.84 0.94 -2.96
CA HIS B 268 -23.86 0.56 -1.94
C HIS B 268 -24.36 1.14 -0.62
N PRO B 269 -24.29 0.36 0.49
CA PRO B 269 -24.71 0.83 1.82
C PRO B 269 -24.06 2.11 2.37
N ARG B 270 -22.82 2.42 1.97
CA ARG B 270 -22.12 3.62 2.46
C ARG B 270 -21.95 4.60 1.33
N SER B 271 -22.94 4.63 0.44
CA SER B 271 -23.05 5.64 -0.60
C SER B 271 -24.51 6.06 -0.79
N THR B 272 -24.70 7.25 -1.36
CA THR B 272 -26.02 7.72 -1.77
C THR B 272 -26.14 7.51 -3.28
N ILE B 273 -25.02 7.16 -3.90
CA ILE B 273 -24.99 6.88 -5.34
C ILE B 273 -25.85 5.65 -5.65
N ARG B 274 -26.97 5.89 -6.35
CA ARG B 274 -27.88 4.84 -6.81
C ARG B 274 -28.05 4.95 -8.32
N LYS B 275 -28.24 3.81 -9.00
CA LYS B 275 -28.50 3.80 -10.45
C LYS B 275 -29.17 2.49 -10.89
N LYS B 276 -30.02 2.57 -11.90
CA LYS B 276 -30.66 1.39 -12.47
C LYS B 276 -30.06 1.15 -13.83
N VAL B 277 -29.72 -0.11 -14.09
CA VAL B 277 -29.26 -0.51 -15.40
C VAL B 277 -30.02 -1.74 -15.85
N LYS B 278 -30.18 -1.90 -17.15
CA LYS B 278 -30.77 -3.10 -17.68
C LYS B 278 -29.74 -4.27 -17.64
N ILE B 279 -30.10 -5.34 -16.93
CA ILE B 279 -29.19 -6.50 -16.76
C ILE B 279 -28.64 -7.00 -18.10
N ARG B 280 -29.49 -7.00 -19.13
CA ARG B 280 -29.10 -7.41 -20.47
C ARG B 280 -27.97 -6.55 -21.01
N GLU B 281 -27.99 -5.27 -20.64
CA GLU B 281 -26.99 -4.34 -21.13
C GLU B 281 -25.66 -4.53 -20.39
N LEU B 282 -25.75 -4.79 -19.09
CA LEU B 282 -24.61 -5.14 -18.28
C LEU B 282 -23.95 -6.39 -18.83
N PHE B 283 -24.74 -7.45 -19.04
CA PHE B 283 -24.22 -8.67 -19.67
C PHE B 283 -23.56 -8.51 -21.04
N ARG B 284 -24.12 -7.66 -21.88
CA ARG B 284 -23.56 -7.41 -23.21
C ARG B 284 -22.20 -6.71 -23.10
N LYS B 285 -22.08 -5.89 -22.07
CA LYS B 285 -20.88 -5.13 -21.87
C LYS B 285 -19.82 -6.11 -21.34
N ILE B 286 -20.17 -7.00 -20.41
CA ILE B 286 -19.25 -8.05 -19.96
C ILE B 286 -18.78 -8.89 -21.12
N ALA B 287 -19.72 -9.35 -21.97
CA ALA B 287 -19.43 -10.27 -23.07
C ALA B 287 -18.58 -9.67 -24.15
N THR B 288 -18.83 -8.39 -24.42
CA THR B 288 -18.08 -7.54 -25.34
C THR B 288 -16.60 -7.48 -24.92
N ASN B 289 -16.36 -7.25 -23.63
CA ASN B 289 -15.00 -7.18 -23.11
C ASN B 289 -14.30 -8.57 -23.04
N ALA B 290 -15.07 -9.59 -22.64
CA ALA B 290 -14.59 -10.96 -22.62
C ALA B 290 -14.28 -11.39 -24.04
N TRP B 291 -15.14 -10.97 -24.99
CA TRP B 291 -14.97 -11.25 -26.42
C TRP B 291 -13.63 -10.67 -26.93
N LYS B 292 -13.33 -9.42 -26.54
CA LYS B 292 -12.06 -8.77 -26.90
C LYS B 292 -10.81 -9.33 -26.24
N SER B 293 -10.83 -9.49 -24.92
CA SER B 293 -9.58 -9.71 -24.16
C SER B 293 -9.60 -10.88 -23.19
N GLY B 294 -10.75 -11.54 -23.03
CA GLY B 294 -10.91 -12.65 -22.08
C GLY B 294 -11.35 -12.27 -20.69
N ASP B 295 -11.42 -10.98 -20.40
CA ASP B 295 -11.84 -10.50 -19.08
C ASP B 295 -13.05 -9.58 -19.16
N PRO B 296 -13.87 -9.51 -18.10
CA PRO B 296 -13.84 -10.28 -16.85
C PRO B 296 -14.58 -11.63 -16.96
N GLY B 297 -14.26 -12.59 -16.09
CA GLY B 297 -15.08 -13.82 -16.01
C GLY B 297 -16.28 -13.61 -15.13
N LEU B 298 -17.00 -14.72 -14.83
CA LEU B 298 -18.22 -14.66 -13.98
C LEU B 298 -17.99 -15.52 -12.77
N ALA B 299 -18.22 -14.98 -11.58
CA ALA B 299 -18.08 -15.77 -10.38
C ALA B 299 -19.42 -15.96 -9.69
N PHE B 300 -19.97 -17.15 -9.80
CA PHE B 300 -21.28 -17.39 -9.21
C PHE B 300 -21.15 -17.67 -7.72
N LEU B 301 -20.95 -16.59 -6.97
CA LEU B 301 -20.77 -16.59 -5.51
C LEU B 301 -21.94 -17.20 -4.74
N GLY B 302 -23.17 -16.80 -5.09
CA GLY B 302 -24.40 -17.43 -4.54
C GLY B 302 -24.43 -18.95 -4.69
N GLU B 303 -24.14 -19.42 -5.88
CA GLU B 303 -23.95 -20.86 -6.13
C GLU B 303 -22.85 -21.52 -5.27
N MET B 304 -21.78 -20.78 -4.92
CA MET B 304 -20.70 -21.38 -4.10
C MET B 304 -21.24 -21.50 -2.69
N ASN B 305 -21.91 -20.45 -2.28
CA ASN B 305 -22.50 -20.38 -0.96
C ASN B 305 -23.67 -21.37 -0.73
N LYS B 306 -24.43 -21.65 -1.79
CA LYS B 306 -25.42 -22.73 -1.81
C LYS B 306 -24.87 -24.07 -1.31
N TYR B 307 -23.63 -24.41 -1.72
CA TYR B 307 -22.95 -25.64 -1.32
C TYR B 307 -21.88 -25.50 -0.24
N TYR B 308 -21.82 -24.32 0.38
CA TYR B 308 -20.88 -24.07 1.47
C TYR B 308 -21.44 -24.53 2.83
N PRO B 309 -20.86 -25.59 3.39
CA PRO B 309 -21.29 -26.17 4.64
C PRO B 309 -21.45 -25.17 5.79
N LEU B 310 -20.76 -24.04 5.68
CA LEU B 310 -20.65 -23.12 6.80
C LEU B 310 -21.43 -21.83 6.55
N TYR B 311 -22.16 -21.79 5.43
CA TYR B 311 -22.97 -20.64 5.11
C TYR B 311 -24.34 -20.76 5.82
N PRO B 312 -24.90 -19.60 6.31
CA PRO B 312 -24.41 -18.22 6.25
C PRO B 312 -23.61 -17.67 7.42
N HIS B 313 -23.23 -18.49 8.40
CA HIS B 313 -22.38 -17.95 9.46
C HIS B 313 -21.03 -17.54 8.87
N ARG B 314 -20.55 -18.29 7.87
CA ARG B 314 -19.41 -17.86 7.07
C ARG B 314 -19.85 -17.78 5.64
N LYS B 315 -19.09 -17.06 4.84
CA LYS B 315 -19.51 -16.64 3.54
C LYS B 315 -18.30 -16.63 2.61
N ILE B 316 -18.51 -17.09 1.38
CA ILE B 316 -17.52 -17.08 0.30
C ILE B 316 -17.75 -15.84 -0.53
N ASN B 317 -16.73 -14.98 -0.59
CA ASN B 317 -16.84 -13.72 -1.31
C ASN B 317 -15.91 -13.66 -2.50
N SER B 318 -14.88 -14.48 -2.49
CA SER B 318 -13.95 -14.46 -3.57
C SER B 318 -13.41 -15.88 -3.81
N THR B 319 -12.73 -16.01 -4.95
CA THR B 319 -11.95 -17.18 -5.26
C THR B 319 -10.47 -16.78 -5.20
N ASN B 320 -9.61 -17.78 -5.36
CA ASN B 320 -8.20 -17.60 -5.59
C ASN B 320 -8.04 -17.15 -7.06
N PRO B 321 -6.84 -16.72 -7.49
CA PRO B 321 -6.65 -16.18 -8.85
C PRO B 321 -7.14 -17.02 -10.01
N CYS B 322 -7.20 -18.35 -9.84
CA CYS B 322 -7.61 -19.22 -10.91
C CYS B 322 -9.10 -19.71 -10.81
N GLY B 323 -9.78 -19.36 -9.72
CA GLY B 323 -11.21 -19.56 -9.62
C GLY B 323 -11.69 -20.86 -8.98
N GLU B 324 -10.78 -21.82 -8.76
CA GLU B 324 -11.21 -23.19 -8.49
C GLU B 324 -11.60 -23.42 -7.04
N ILE B 325 -11.12 -22.57 -6.16
CA ILE B 325 -11.53 -22.65 -4.78
C ILE B 325 -12.27 -21.34 -4.41
N GLY B 326 -13.51 -21.46 -3.96
CA GLY B 326 -14.16 -20.30 -3.37
C GLY B 326 -13.82 -20.29 -1.89
N LEU B 327 -13.39 -19.15 -1.37
CA LEU B 327 -12.83 -19.13 -0.03
C LEU B 327 -13.50 -18.07 0.81
N SER B 328 -13.69 -18.37 2.08
CA SER B 328 -14.13 -17.36 3.02
C SER B 328 -12.91 -16.51 3.46
N ASP B 329 -13.17 -15.37 4.08
CA ASP B 329 -12.12 -14.42 4.49
C ASP B 329 -10.99 -15.08 5.27
N TYR B 330 -9.76 -14.90 4.77
CA TYR B 330 -8.52 -15.41 5.43
C TYR B 330 -8.36 -16.90 5.36
N GLU B 331 -9.20 -17.54 4.56
CA GLU B 331 -9.08 -18.99 4.44
C GLU B 331 -8.09 -19.22 3.31
N ALA B 332 -7.41 -20.36 3.37
CA ALA B 332 -6.44 -20.75 2.35
C ALA B 332 -6.74 -22.20 2.13
N CYS B 333 -6.21 -22.75 1.03
CA CYS B 333 -6.47 -24.12 0.64
C CYS B 333 -5.31 -24.72 -0.15
N ASN B 334 -4.93 -25.95 0.19
CA ASN B 334 -3.86 -26.66 -0.51
C ASN B 334 -4.43 -27.71 -1.42
N LEU B 335 -3.77 -27.86 -2.54
CA LEU B 335 -4.24 -28.65 -3.65
C LEU B 335 -3.28 -29.80 -4.00
N GLY B 336 -3.84 -30.82 -4.63
CA GLY B 336 -3.03 -31.92 -5.18
C GLY B 336 -3.83 -32.59 -6.25
N SER B 337 -3.13 -33.16 -7.25
CA SER B 337 -3.83 -33.75 -8.41
C SER B 337 -3.37 -35.18 -8.74
N ILE B 338 -4.35 -36.02 -9.05
CA ILE B 338 -4.07 -37.37 -9.50
C ILE B 338 -4.09 -37.39 -11.02
N ASP B 339 -3.07 -38.05 -11.60
CA ASP B 339 -2.98 -38.18 -13.03
C ASP B 339 -3.78 -39.37 -13.40
N VAL B 340 -4.96 -39.13 -13.92
CA VAL B 340 -5.87 -40.24 -14.22
C VAL B 340 -5.48 -41.00 -15.49
N ALA B 341 -4.71 -40.37 -16.38
CA ALA B 341 -4.19 -41.11 -17.56
C ALA B 341 -3.34 -42.36 -17.23
N LYS B 342 -2.67 -42.33 -16.08
CA LYS B 342 -1.87 -43.47 -15.60
C LYS B 342 -2.71 -44.62 -15.08
N PHE B 343 -4.02 -44.40 -14.92
CA PHE B 343 -4.94 -45.37 -14.35
C PHE B 343 -5.74 -46.15 -15.41
N TYR B 344 -5.35 -45.96 -16.65
CA TYR B 344 -5.87 -46.70 -17.77
C TYR B 344 -5.36 -48.13 -17.84
N ASN B 345 -6.26 -49.11 -17.85
CA ASN B 345 -5.89 -50.53 -17.95
C ASN B 345 -6.82 -51.26 -18.89
N ASN B 346 -6.27 -51.76 -20.00
CA ASN B 346 -6.99 -52.57 -20.99
C ASN B 346 -8.42 -52.08 -21.37
N GLY B 347 -8.60 -50.79 -21.66
CA GLY B 347 -9.94 -50.29 -22.02
C GLY B 347 -10.76 -49.76 -20.85
N PHE B 348 -10.19 -49.77 -19.65
CA PHE B 348 -10.88 -49.37 -18.42
C PHE B 348 -10.05 -48.55 -17.47
N VAL B 349 -10.71 -47.76 -16.64
CA VAL B 349 -10.02 -47.09 -15.55
C VAL B 349 -10.00 -48.04 -14.36
N ASP B 350 -8.79 -48.35 -13.91
CA ASP B 350 -8.52 -49.18 -12.72
C ASP B 350 -9.02 -48.50 -11.46
N LEU B 351 -10.27 -48.79 -11.10
CA LEU B 351 -10.92 -48.12 -9.98
C LEU B 351 -10.38 -48.64 -8.67
N GLU B 352 -9.73 -49.79 -8.72
CA GLU B 352 -9.25 -50.41 -7.50
C GLU B 352 -8.01 -49.67 -7.00
N ALA B 353 -7.03 -49.47 -7.86
CA ALA B 353 -5.88 -48.67 -7.52
C ALA B 353 -6.27 -47.21 -7.24
N LEU B 354 -7.21 -46.67 -8.05
CA LEU B 354 -7.67 -45.31 -7.91
C LEU B 354 -8.23 -45.03 -6.53
N GLN B 355 -9.14 -45.88 -6.04
CA GLN B 355 -9.67 -45.70 -4.69
C GLN B 355 -8.62 -45.72 -3.58
N GLU B 356 -7.60 -46.57 -3.72
CA GLU B 356 -6.49 -46.57 -2.79
C GLU B 356 -5.77 -45.22 -2.86
N LEU B 357 -5.52 -44.71 -4.06
CA LEU B 357 -4.81 -43.43 -4.15
C LEU B 357 -5.63 -42.24 -3.62
N VAL B 358 -6.94 -42.29 -3.78
CA VAL B 358 -7.78 -41.21 -3.33
C VAL B 358 -7.65 -41.15 -1.81
N GLN B 359 -7.60 -42.33 -1.22
CA GLN B 359 -7.43 -42.49 0.20
C GLN B 359 -6.12 -41.88 0.68
N ILE B 360 -5.04 -42.19 -0.03
CA ILE B 360 -3.73 -41.67 0.30
C ILE B 360 -3.61 -40.18 0.05
N ALA B 361 -4.24 -39.73 -1.03
CA ALA B 361 -4.12 -38.34 -1.45
C ALA B 361 -4.79 -37.41 -0.43
N VAL B 362 -5.96 -37.81 0.06
CA VAL B 362 -6.65 -36.99 1.05
C VAL B 362 -5.79 -36.88 2.32
N ARG B 363 -5.18 -37.99 2.73
CA ARG B 363 -4.38 -37.97 3.93
C ARG B 363 -3.18 -37.06 3.73
N PHE B 364 -2.50 -37.22 2.60
CA PHE B 364 -1.36 -36.43 2.27
C PHE B 364 -1.79 -34.94 2.36
N LEU B 365 -2.84 -34.58 1.65
CA LEU B 365 -3.29 -33.20 1.59
C LEU B 365 -3.70 -32.64 2.96
N ASP B 366 -4.38 -33.45 3.76
CA ASP B 366 -4.77 -33.05 5.11
C ASP B 366 -3.58 -32.95 6.09
N ASN B 367 -2.56 -33.76 5.86
CA ASN B 367 -1.35 -33.66 6.63
C ASN B 367 -0.60 -32.39 6.33
N VAL B 368 -0.65 -31.96 5.08
CA VAL B 368 0.00 -30.75 4.63
C VAL B 368 -0.38 -29.52 5.47
N ILE B 369 -1.63 -29.46 5.90
CA ILE B 369 -2.08 -28.45 6.82
C ILE B 369 -1.20 -28.37 8.07
N ASP B 370 -1.01 -29.50 8.75
CA ASP B 370 -0.23 -29.59 10.02
C ASP B 370 1.26 -29.23 9.91
N VAL B 371 1.86 -29.30 8.72
CA VAL B 371 3.26 -28.88 8.57
C VAL B 371 3.38 -27.57 7.79
N ASN B 372 2.24 -27.05 7.35
CA ASN B 372 2.15 -25.72 6.75
C ASN B 372 2.41 -24.58 7.73
N VAL B 373 3.13 -23.56 7.29
CA VAL B 373 3.29 -22.31 8.04
C VAL B 373 2.80 -21.14 7.20
N PHE B 374 1.88 -20.34 7.75
CA PHE B 374 1.34 -19.15 7.07
C PHE B 374 1.89 -17.84 7.66
N PRO B 375 1.91 -16.75 6.85
CA PRO B 375 2.44 -15.54 7.40
C PRO B 375 1.44 -14.65 8.17
N ILE B 376 0.20 -15.09 8.36
CA ILE B 376 -0.81 -14.24 8.98
C ILE B 376 -1.60 -15.15 9.90
N ASP B 377 -1.66 -14.82 11.19
CA ASP B 377 -2.32 -15.66 12.22
C ASP B 377 -3.75 -16.02 11.88
N LYS B 378 -4.46 -15.05 11.30
CA LYS B 378 -5.87 -15.23 10.96
C LYS B 378 -6.06 -16.33 9.92
N ILE B 379 -5.10 -16.44 9.01
CA ILE B 379 -5.07 -17.50 8.02
C ILE B 379 -4.79 -18.85 8.67
N THR B 380 -3.78 -18.88 9.53
CA THR B 380 -3.49 -20.07 10.33
C THR B 380 -4.75 -20.61 10.97
N LYS B 381 -5.53 -19.71 11.55
CA LYS B 381 -6.72 -20.04 12.31
C LYS B 381 -7.92 -20.49 11.46
N ALA B 382 -8.17 -19.79 10.37
CA ALA B 382 -9.25 -20.15 9.45
C ALA B 382 -9.04 -21.52 8.76
N VAL B 383 -7.79 -21.87 8.45
CA VAL B 383 -7.42 -23.19 7.95
C VAL B 383 -7.55 -24.29 9.03
N LYS B 384 -7.13 -24.02 10.26
CA LYS B 384 -7.24 -25.03 11.35
C LYS B 384 -8.71 -25.36 11.63
N GLU B 385 -9.53 -24.33 11.52
CA GLU B 385 -10.94 -24.47 11.82
C GLU B 385 -11.72 -25.27 10.81
N SER B 386 -11.36 -25.12 9.52
CA SER B 386 -12.14 -25.69 8.40
C SER B 386 -11.49 -26.94 7.77
N ARG B 387 -10.15 -26.92 7.64
CA ARG B 387 -9.35 -27.93 6.94
C ARG B 387 -9.83 -28.25 5.48
N ARG B 388 -10.04 -27.21 4.68
CA ARG B 388 -10.54 -27.37 3.30
C ARG B 388 -9.46 -27.97 2.39
N LEU B 389 -9.81 -28.96 1.60
CA LEU B 389 -8.80 -29.50 0.67
C LEU B 389 -9.26 -29.28 -0.74
N GLY B 390 -8.31 -29.34 -1.67
CA GLY B 390 -8.60 -29.35 -3.08
C GLY B 390 -7.89 -30.47 -3.80
N LEU B 391 -8.36 -31.71 -3.58
CA LEU B 391 -8.01 -32.84 -4.41
C LEU B 391 -8.66 -32.76 -5.82
N GLY B 392 -7.81 -32.78 -6.85
CA GLY B 392 -8.28 -32.86 -8.24
C GLY B 392 -7.67 -33.98 -9.08
N ILE B 393 -7.84 -33.84 -10.39
CA ILE B 393 -7.28 -34.72 -11.36
C ILE B 393 -6.62 -33.88 -12.48
N MET B 394 -5.67 -34.51 -13.14
CA MET B 394 -5.07 -34.02 -14.34
C MET B 394 -5.01 -35.28 -15.20
N GLY B 395 -4.52 -35.16 -16.42
CA GLY B 395 -4.47 -36.28 -17.32
C GLY B 395 -5.76 -36.71 -18.00
N PHE B 396 -6.86 -36.01 -17.71
CA PHE B 396 -8.19 -36.45 -18.12
C PHE B 396 -8.31 -36.63 -19.62
N ALA B 397 -7.78 -35.66 -20.36
CA ALA B 397 -7.89 -35.64 -21.80
C ALA B 397 -7.10 -36.80 -22.45
N ASP B 398 -5.91 -37.09 -21.92
CA ASP B 398 -5.13 -38.25 -22.36
C ASP B 398 -5.75 -39.56 -21.91
N LEU B 399 -6.42 -39.58 -20.75
CA LEU B 399 -7.30 -40.71 -20.41
C LEU B 399 -8.35 -40.97 -21.52
N LEU B 400 -9.07 -39.92 -21.93
CA LEU B 400 -10.07 -40.03 -23.01
C LEU B 400 -9.46 -40.49 -24.34
N TYR B 401 -8.24 -40.03 -24.64
CA TYR B 401 -7.50 -40.58 -25.78
C TYR B 401 -7.34 -42.11 -25.70
N LYS B 402 -6.81 -42.59 -24.57
CA LYS B 402 -6.54 -44.00 -24.34
C LYS B 402 -7.82 -44.83 -24.44
N LEU B 403 -8.91 -44.27 -23.92
CA LEU B 403 -10.19 -44.96 -23.87
C LEU B 403 -10.95 -44.85 -25.19
N GLU B 404 -10.34 -44.12 -26.14
CA GLU B 404 -10.92 -43.87 -27.48
C GLU B 404 -12.27 -43.14 -27.41
N ILE B 405 -12.37 -42.23 -26.45
CA ILE B 405 -13.56 -41.41 -26.26
C ILE B 405 -13.37 -39.96 -26.74
N PRO B 406 -14.28 -39.49 -27.62
CA PRO B 406 -14.13 -38.08 -27.96
C PRO B 406 -14.56 -37.17 -26.79
N TYR B 407 -13.78 -36.13 -26.55
CA TYR B 407 -14.05 -35.15 -25.49
C TYR B 407 -15.40 -34.49 -25.66
N ASN B 408 -15.73 -34.13 -26.91
CA ASN B 408 -17.00 -33.50 -27.25
C ASN B 408 -18.06 -34.52 -27.63
N SER B 409 -18.52 -35.27 -26.63
CA SER B 409 -19.56 -36.27 -26.77
C SER B 409 -20.24 -36.41 -25.42
N GLN B 410 -21.52 -36.75 -25.43
CA GLN B 410 -22.19 -37.14 -24.19
C GLN B 410 -21.48 -38.34 -23.49
N GLU B 411 -20.82 -39.19 -24.26
CA GLU B 411 -20.15 -40.36 -23.71
C GLU B 411 -19.04 -39.90 -22.74
N ALA B 412 -18.21 -38.95 -23.22
CA ALA B 412 -17.17 -38.32 -22.42
C ALA B 412 -17.66 -37.68 -21.12
N ARG B 413 -18.81 -36.99 -21.16
CA ARG B 413 -19.32 -36.26 -20.00
C ARG B 413 -19.94 -37.17 -18.96
N ASP B 414 -20.65 -38.19 -19.46
CA ASP B 414 -21.15 -39.29 -18.62
C ASP B 414 -19.95 -40.04 -17.98
N PHE B 415 -18.92 -40.35 -18.76
CA PHE B 415 -17.68 -40.88 -18.22
C PHE B 415 -17.09 -39.99 -17.11
N ALA B 416 -16.96 -38.68 -17.40
CA ALA B 416 -16.41 -37.67 -16.48
C ALA B 416 -17.18 -37.57 -15.19
N ALA B 417 -18.50 -37.54 -15.27
CA ALA B 417 -19.35 -37.43 -14.08
C ALA B 417 -19.20 -38.67 -13.19
N ASN B 418 -19.15 -39.86 -13.79
CA ASN B 418 -18.98 -41.10 -13.04
C ASN B 418 -17.65 -41.17 -12.35
N LEU B 419 -16.60 -40.78 -13.08
CA LEU B 419 -15.25 -40.78 -12.60
C LEU B 419 -15.16 -39.80 -11.42
N MET B 420 -15.70 -38.58 -11.59
CA MET B 420 -15.65 -37.58 -10.53
C MET B 420 -16.48 -37.97 -9.31
N ALA B 421 -17.67 -38.51 -9.57
CA ALA B 421 -18.56 -39.14 -8.55
C ALA B 421 -17.83 -40.18 -7.72
N PHE B 422 -17.12 -41.08 -8.40
CA PHE B 422 -16.33 -42.10 -7.73
C PHE B 422 -15.27 -41.48 -6.79
N ILE B 423 -14.50 -40.52 -7.32
CA ILE B 423 -13.43 -39.85 -6.57
C ILE B 423 -14.05 -39.12 -5.38
N ALA B 424 -15.18 -38.44 -5.61
CA ALA B 424 -15.87 -37.73 -4.53
C ALA B 424 -16.22 -38.66 -3.39
N LEU B 425 -16.94 -39.73 -3.73
CA LEU B 425 -17.33 -40.81 -2.83
C LEU B 425 -16.22 -41.22 -1.86
N HIS B 426 -15.06 -41.58 -2.44
CA HIS B 426 -13.96 -42.09 -1.68
C HIS B 426 -13.15 -41.04 -0.94
N ALA B 427 -13.07 -39.81 -1.48
CA ALA B 427 -12.46 -38.70 -0.73
C ALA B 427 -13.26 -38.37 0.52
N HIS B 428 -14.56 -38.17 0.36
CA HIS B 428 -15.43 -37.95 1.51
C HIS B 428 -15.53 -39.13 2.50
N ARG B 429 -15.50 -40.37 2.00
CA ARG B 429 -15.32 -41.55 2.86
C ARG B 429 -13.99 -41.50 3.64
N THR B 430 -12.88 -41.16 2.97
CA THR B 430 -11.59 -40.90 3.67
C THR B 430 -11.70 -39.75 4.68
N SER B 431 -12.44 -38.69 4.35
CA SER B 431 -12.59 -37.60 5.31
C SER B 431 -13.24 -38.05 6.61
N TYR B 432 -14.26 -38.90 6.48
CA TYR B 432 -14.98 -39.46 7.60
C TYR B 432 -14.00 -40.28 8.46
N GLU B 433 -13.21 -41.14 7.79
CA GLU B 433 -12.22 -41.97 8.45
C GLU B 433 -11.19 -41.19 9.22
N LEU B 434 -10.77 -40.07 8.67
CA LEU B 434 -9.73 -39.21 9.28
C LEU B 434 -10.30 -38.41 10.44
N GLY B 435 -11.58 -38.10 10.38
CA GLY B 435 -12.27 -37.47 11.52
C GLY B 435 -12.30 -38.38 12.75
N LYS B 436 -12.72 -39.62 12.52
CA LYS B 436 -12.65 -40.68 13.51
C LYS B 436 -11.22 -40.85 14.03
N GLU B 437 -10.23 -40.89 13.14
CA GLU B 437 -8.86 -41.22 13.52
C GLU B 437 -8.17 -40.06 14.26
N LYS B 438 -8.40 -38.83 13.82
CA LYS B 438 -7.56 -37.72 14.25
C LYS B 438 -8.35 -36.62 14.91
N GLY B 439 -9.66 -36.64 14.74
CA GLY B 439 -10.48 -35.53 15.22
C GLY B 439 -11.12 -34.79 14.05
N ASN B 440 -12.34 -34.33 14.29
CA ASN B 440 -13.11 -33.61 13.30
C ASN B 440 -12.61 -32.20 13.09
N PHE B 441 -12.99 -31.60 11.96
CA PHE B 441 -12.68 -30.19 11.79
C PHE B 441 -13.49 -29.43 12.85
N PRO B 442 -12.82 -28.54 13.60
CA PRO B 442 -13.39 -27.72 14.65
C PRO B 442 -14.84 -27.25 14.42
N LEU B 443 -15.17 -26.89 13.19
CA LEU B 443 -16.45 -26.27 12.89
C LEU B 443 -17.53 -27.23 12.36
N LEU B 444 -17.34 -28.55 12.50
CA LEU B 444 -18.35 -29.55 12.09
C LEU B 444 -19.72 -29.22 12.71
N GLU B 445 -19.74 -29.02 14.02
CA GLU B 445 -20.95 -28.85 14.83
C GLU B 445 -21.88 -27.80 14.24
N ILE B 446 -21.27 -26.74 13.70
CA ILE B 446 -22.05 -25.60 13.20
C ILE B 446 -22.20 -25.63 11.68
N SER B 447 -21.69 -26.70 11.07
CA SER B 447 -21.82 -26.89 9.64
C SER B 447 -23.09 -27.65 9.31
N ARG B 448 -23.48 -27.54 8.06
CA ARG B 448 -24.65 -28.20 7.56
C ARG B 448 -24.56 -29.70 7.40
N TYR B 449 -23.35 -30.26 7.52
CA TYR B 449 -23.20 -31.71 7.69
C TYR B 449 -23.86 -32.18 9.01
N ARG B 450 -23.93 -31.27 9.98
CA ARG B 450 -24.47 -31.54 11.31
C ARG B 450 -25.92 -31.10 11.44
N THR B 451 -26.17 -29.83 11.10
CA THR B 451 -27.42 -29.12 11.39
C THR B 451 -28.51 -29.37 10.35
N GLU B 452 -28.23 -30.21 9.37
CA GLU B 452 -29.16 -30.48 8.30
C GLU B 452 -29.27 -31.96 8.03
N ASP B 453 -30.31 -32.26 7.24
CA ASP B 453 -30.63 -33.61 6.92
C ASP B 453 -30.05 -34.12 5.63
N ASN B 454 -30.15 -33.49 4.51
CA ASN B 454 -29.70 -34.21 3.32
C ASN B 454 -28.82 -33.26 2.56
N PHE B 455 -27.91 -32.63 3.31
CA PHE B 455 -26.96 -31.67 2.76
C PHE B 455 -25.91 -32.41 1.96
N VAL B 456 -25.77 -31.99 0.70
CA VAL B 456 -24.75 -32.51 -0.17
C VAL B 456 -24.04 -31.30 -0.79
N PRO B 457 -22.70 -31.24 -0.70
CA PRO B 457 -21.93 -30.08 -1.22
C PRO B 457 -21.74 -29.95 -2.77
N PHE B 458 -22.58 -30.60 -3.55
CA PHE B 458 -22.60 -30.46 -4.99
C PHE B 458 -23.93 -31.03 -5.48
N ALA B 459 -24.31 -30.66 -6.69
CA ALA B 459 -25.62 -30.97 -7.29
C ALA B 459 -25.92 -32.44 -7.63
N MET B 460 -24.89 -33.22 -7.99
CA MET B 460 -25.02 -34.60 -8.45
C MET B 460 -25.93 -34.70 -9.67
N GLY B 461 -26.54 -35.87 -9.91
CA GLY B 461 -27.60 -36.04 -10.91
C GLY B 461 -27.10 -36.61 -12.21
N MET B 462 -25.88 -37.19 -12.22
CA MET B 462 -25.31 -37.75 -13.43
C MET B 462 -24.48 -39.02 -13.18
N SER B 463 -24.80 -39.76 -12.14
CA SER B 463 -24.06 -40.99 -11.86
C SER B 463 -24.92 -41.96 -11.05
N ASN B 464 -24.63 -43.26 -11.13
CA ASN B 464 -25.31 -44.21 -10.19
C ASN B 464 -24.69 -44.22 -8.81
N TYR B 465 -23.62 -43.45 -8.60
CA TYR B 465 -23.00 -43.38 -7.28
C TYR B 465 -23.70 -42.46 -6.33
N ASP B 466 -24.70 -41.72 -6.80
CA ASP B 466 -25.41 -40.73 -5.97
C ASP B 466 -25.95 -41.21 -4.63
N ASP B 467 -26.57 -42.38 -4.60
CA ASP B 467 -27.18 -42.85 -3.38
C ASP B 467 -26.10 -43.19 -2.38
N GLU B 468 -25.05 -43.79 -2.86
CA GLU B 468 -23.88 -44.06 -2.03
C GLU B 468 -23.22 -42.79 -1.51
N ILE B 469 -23.17 -41.77 -2.38
CA ILE B 469 -22.65 -40.47 -1.97
C ILE B 469 -23.48 -39.83 -0.85
N ARG B 470 -24.81 -39.86 -0.98
CA ARG B 470 -25.72 -39.33 0.06
C ARG B 470 -25.52 -40.07 1.37
N GLU B 471 -25.33 -41.38 1.27
CA GLU B 471 -25.13 -42.22 2.41
C GLU B 471 -23.85 -41.83 3.15
N VAL B 472 -22.77 -41.55 2.41
CA VAL B 472 -21.51 -41.07 3.02
C VAL B 472 -21.64 -39.68 3.61
N MET B 473 -22.45 -38.83 2.99
CA MET B 473 -22.64 -37.47 3.52
C MET B 473 -23.36 -37.46 4.84
N LYS B 474 -24.31 -38.37 5.00
CA LYS B 474 -25.03 -38.59 6.26
C LYS B 474 -24.09 -39.08 7.36
N MET B 475 -23.18 -40.00 7.01
CA MET B 475 -22.17 -40.54 7.95
C MET B 475 -21.25 -39.45 8.47
N THR B 476 -20.95 -38.49 7.61
CA THR B 476 -20.07 -37.38 7.96
C THR B 476 -20.72 -36.32 8.86
N LYS B 477 -21.99 -36.55 9.27
CA LYS B 477 -22.60 -35.80 10.39
C LYS B 477 -21.81 -36.05 11.70
N GLU B 478 -21.35 -37.29 11.89
CA GLU B 478 -20.60 -37.67 13.08
C GLU B 478 -19.12 -37.34 12.95
N PHE B 479 -18.49 -37.88 11.92
CA PHE B 479 -17.06 -37.74 11.78
C PHE B 479 -16.72 -37.12 10.42
N ARG B 480 -15.86 -36.12 10.45
CA ARG B 480 -15.50 -35.38 9.21
C ARG B 480 -14.28 -34.53 9.49
N ARG B 481 -13.21 -34.82 8.75
CA ARG B 481 -11.96 -34.15 8.94
C ARG B 481 -11.88 -32.79 8.23
N ASN B 482 -12.72 -32.60 7.18
CA ASN B 482 -12.58 -31.48 6.25
C ASN B 482 -13.89 -30.89 5.78
N VAL B 483 -13.99 -29.56 5.73
CA VAL B 483 -15.23 -28.91 5.28
C VAL B 483 -15.59 -29.25 3.80
N ALA B 484 -14.54 -29.52 3.00
CA ALA B 484 -14.66 -29.68 1.53
C ALA B 484 -13.34 -30.26 1.08
N LEU B 485 -13.37 -31.10 0.04
CA LEU B 485 -12.19 -31.91 -0.34
C LEU B 485 -11.72 -31.78 -1.79
N LEU B 486 -12.58 -31.27 -2.66
CA LEU B 486 -12.35 -31.48 -4.11
C LEU B 486 -12.28 -30.22 -4.95
N THR B 487 -11.52 -30.29 -6.03
CA THR B 487 -11.43 -29.19 -6.99
C THR B 487 -10.90 -29.74 -8.34
N ILE B 488 -11.01 -28.99 -9.44
CA ILE B 488 -10.10 -29.26 -10.59
C ILE B 488 -9.34 -27.98 -10.81
N ALA B 489 -8.01 -28.07 -10.69
CA ALA B 489 -7.12 -26.94 -10.80
C ALA B 489 -6.59 -26.81 -12.25
N PRO B 490 -6.03 -25.65 -12.63
CA PRO B 490 -5.41 -25.65 -13.98
C PRO B 490 -4.25 -26.66 -14.18
N THR B 491 -3.53 -26.98 -13.11
CA THR B 491 -2.33 -27.87 -13.12
C THR B 491 -1.31 -27.62 -14.25
N GLY B 492 -1.09 -26.38 -14.65
CA GLY B 492 -0.11 -26.07 -15.67
C GLY B 492 1.26 -26.71 -15.48
N SER B 493 1.97 -26.34 -14.43
CA SER B 493 3.27 -26.94 -14.12
C SER B 493 3.26 -28.42 -13.72
N ILE B 494 2.40 -28.82 -12.77
CA ILE B 494 2.46 -30.19 -12.24
C ILE B 494 2.08 -31.26 -13.31
N SER B 495 1.20 -30.88 -14.24
CA SER B 495 0.90 -31.77 -15.35
C SER B 495 2.10 -31.85 -16.30
N ASN B 496 2.82 -30.74 -16.46
CA ASN B 496 4.12 -30.80 -17.15
C ASN B 496 5.13 -31.74 -16.49
N ILE B 497 5.28 -31.63 -15.17
CA ILE B 497 6.10 -32.57 -14.40
C ILE B 497 5.71 -34.02 -14.58
N ALA B 498 4.41 -34.28 -14.61
CA ALA B 498 3.86 -35.63 -14.71
C ALA B 498 3.65 -36.10 -16.13
N ASP B 499 4.09 -35.31 -17.12
CA ASP B 499 3.96 -35.66 -18.55
C ASP B 499 2.56 -36.10 -18.94
N THR B 500 1.58 -35.28 -18.60
CA THR B 500 0.17 -35.65 -18.85
C THR B 500 -0.58 -34.38 -19.22
N SER B 501 -1.87 -34.51 -19.52
CA SER B 501 -2.66 -33.32 -19.86
C SER B 501 -3.13 -32.56 -18.60
N SER B 502 -3.52 -31.30 -18.80
CA SER B 502 -3.73 -30.40 -17.69
C SER B 502 -5.14 -30.53 -17.20
N GLY B 503 -5.32 -30.66 -15.89
CA GLY B 503 -6.66 -30.70 -15.29
C GLY B 503 -7.67 -31.54 -16.06
N LEU B 504 -8.83 -30.95 -16.36
CA LEU B 504 -9.89 -31.59 -17.16
C LEU B 504 -9.88 -31.02 -18.57
N GLU B 505 -8.95 -30.10 -18.84
CA GLU B 505 -8.85 -29.46 -20.16
C GLU B 505 -8.49 -30.44 -21.24
N PRO B 506 -9.12 -30.27 -22.42
CA PRO B 506 -8.62 -30.97 -23.61
C PRO B 506 -7.19 -30.58 -23.88
N ASN B 507 -6.46 -31.38 -24.63
CA ASN B 507 -5.15 -30.91 -25.05
C ASN B 507 -5.36 -29.73 -25.92
N PHE B 508 -4.54 -28.70 -25.73
CA PHE B 508 -4.66 -27.54 -26.56
C PHE B 508 -4.10 -27.86 -27.96
N LEU B 509 -2.97 -28.58 -27.98
CA LEU B 509 -2.34 -28.99 -29.25
C LEU B 509 -1.76 -30.40 -29.15
N LEU B 510 -1.86 -31.18 -30.22
CA LEU B 510 -1.25 -32.51 -30.30
C LEU B 510 0.22 -32.45 -30.66
N ALA B 511 0.62 -31.44 -31.41
CA ALA B 511 2.05 -31.27 -31.74
C ALA B 511 2.48 -29.80 -31.73
N TYR B 512 3.62 -29.55 -31.10
CA TYR B 512 4.30 -28.24 -31.12
C TYR B 512 5.84 -28.33 -31.09
N VAL B 529 5.31 -34.22 -30.00
CA VAL B 529 4.01 -34.87 -30.21
C VAL B 529 3.41 -35.46 -28.94
N ASN B 530 2.08 -35.37 -28.85
CA ASN B 530 1.30 -36.02 -27.79
C ASN B 530 1.65 -37.51 -27.72
N GLN B 531 1.94 -38.02 -26.53
CA GLN B 531 2.44 -39.41 -26.40
C GLN B 531 1.39 -40.47 -26.74
N VAL B 532 0.14 -40.24 -26.37
CA VAL B 532 -0.94 -41.16 -26.73
C VAL B 532 -1.19 -41.14 -28.25
N LEU B 533 -0.90 -40.02 -28.90
CA LEU B 533 -1.00 -39.98 -30.34
C LEU B 533 0.17 -40.68 -31.04
N ARG B 534 1.36 -40.62 -30.46
CA ARG B 534 2.52 -41.39 -30.95
C ARG B 534 2.24 -42.88 -30.85
N GLU B 535 1.70 -43.30 -29.70
CA GLU B 535 1.45 -44.70 -29.40
C GLU B 535 0.26 -45.26 -30.16
N LYS B 536 -0.44 -44.45 -30.95
CA LYS B 536 -1.67 -44.92 -31.64
C LYS B 536 -1.67 -44.78 -33.16
N LEU B 537 -0.90 -43.82 -33.68
CA LEU B 537 -0.85 -43.53 -35.12
C LEU B 537 0.49 -44.01 -35.68
N ASN B 538 0.42 -44.89 -36.69
CA ASN B 538 1.53 -45.82 -37.12
C ASN B 538 2.98 -45.83 -36.52
N PRO B 539 3.92 -44.94 -36.98
CA PRO B 539 3.92 -43.62 -37.63
C PRO B 539 3.74 -43.66 -39.13
N GLU B 540 4.65 -43.04 -39.89
CA GLU B 540 4.51 -42.90 -41.35
C GLU B 540 3.49 -41.81 -41.65
N ILE B 541 2.25 -42.03 -41.19
CA ILE B 541 1.24 -40.97 -41.23
C ILE B 541 1.66 -39.87 -40.26
N LEU B 542 2.28 -40.25 -39.14
CA LEU B 542 2.83 -39.27 -38.19
C LEU B 542 3.97 -38.44 -38.80
N LYS B 543 4.99 -39.08 -39.36
CA LYS B 543 6.10 -38.38 -40.07
C LYS B 543 5.59 -37.42 -41.15
N ARG B 544 4.61 -37.88 -41.93
CA ARG B 544 4.07 -37.10 -43.04
C ARG B 544 3.36 -35.84 -42.57
N ILE B 545 2.33 -36.01 -41.72
CA ILE B 545 1.41 -34.93 -41.35
C ILE B 545 1.98 -33.90 -40.36
N GLU B 546 3.00 -34.31 -39.60
CA GLU B 546 3.62 -33.53 -38.52
C GLU B 546 3.68 -32.01 -38.69
N LYS B 547 4.00 -31.53 -39.88
CA LYS B 547 4.12 -30.09 -40.09
C LYS B 547 2.78 -29.42 -40.42
N GLU B 548 1.89 -30.14 -41.10
CA GLU B 548 0.54 -29.63 -41.40
C GLU B 548 -0.27 -29.45 -40.10
N LEU B 549 -0.06 -30.38 -39.17
CA LEU B 549 -0.66 -30.39 -37.84
C LEU B 549 -0.06 -29.30 -36.95
N ILE B 550 1.20 -28.95 -37.18
CA ILE B 550 1.80 -27.79 -36.49
C ILE B 550 1.45 -26.43 -37.12
N GLU B 551 0.96 -26.42 -38.36
CA GLU B 551 0.37 -25.17 -38.90
C GLU B 551 -1.09 -25.07 -38.52
N LYS B 552 -1.85 -26.06 -38.98
CA LYS B 552 -3.30 -26.04 -38.87
C LYS B 552 -3.82 -26.19 -37.43
N GLY B 553 -2.98 -26.75 -36.55
CA GLY B 553 -3.25 -26.84 -35.10
C GLY B 553 -4.29 -27.88 -34.70
N SER B 554 -4.69 -28.70 -35.66
CA SER B 554 -5.68 -29.75 -35.49
C SER B 554 -5.38 -30.91 -36.46
N LEU B 555 -6.16 -31.99 -36.33
CA LEU B 555 -6.14 -33.10 -37.25
C LEU B 555 -7.35 -33.00 -38.18
N LYS B 556 -8.21 -32.02 -37.91
CA LYS B 556 -9.56 -31.93 -38.49
C LYS B 556 -9.55 -31.90 -40.02
N ASP B 557 -8.83 -30.92 -40.57
CA ASP B 557 -8.75 -30.69 -42.01
C ASP B 557 -7.44 -31.15 -42.59
N ILE B 558 -6.96 -32.29 -42.08
CA ILE B 558 -5.90 -33.05 -42.72
C ILE B 558 -6.55 -34.31 -43.28
N PRO B 559 -6.55 -34.47 -44.63
CA PRO B 559 -7.02 -35.75 -45.20
C PRO B 559 -5.96 -36.86 -45.12
N ASP B 560 -6.43 -38.11 -45.22
CA ASP B 560 -5.59 -39.33 -45.08
C ASP B 560 -5.18 -39.62 -43.65
N VAL B 561 -5.98 -39.06 -42.72
CA VAL B 561 -5.98 -39.48 -41.31
C VAL B 561 -7.32 -40.16 -41.02
N PRO B 562 -7.25 -41.40 -40.46
CA PRO B 562 -8.46 -42.19 -40.24
C PRO B 562 -9.47 -41.43 -39.38
N GLU B 563 -10.72 -41.42 -39.82
CA GLU B 563 -11.83 -40.76 -39.11
C GLU B 563 -11.88 -41.08 -37.61
N LYS B 564 -11.47 -42.30 -37.22
CA LYS B 564 -11.50 -42.70 -35.81
C LYS B 564 -10.42 -41.95 -35.02
N ILE B 565 -9.29 -41.72 -35.67
CA ILE B 565 -8.23 -40.97 -35.08
C ILE B 565 -8.63 -39.49 -34.93
N LYS B 566 -9.35 -38.96 -35.92
CA LYS B 566 -9.74 -37.57 -35.89
C LYS B 566 -10.71 -37.30 -34.76
N LYS B 567 -11.65 -38.22 -34.57
CA LYS B 567 -12.74 -38.03 -33.63
C LYS B 567 -12.30 -38.04 -32.16
N VAL B 568 -11.34 -38.91 -31.89
CA VAL B 568 -10.84 -39.15 -30.56
C VAL B 568 -9.80 -38.08 -30.22
N PHE B 569 -8.92 -37.83 -31.16
CA PHE B 569 -7.79 -36.97 -30.92
C PHE B 569 -8.15 -35.50 -31.24
N VAL B 570 -9.17 -35.01 -30.53
CA VAL B 570 -9.61 -33.63 -30.64
C VAL B 570 -8.83 -32.74 -29.73
N VAL B 571 -8.62 -31.51 -30.19
CA VAL B 571 -7.96 -30.47 -29.39
C VAL B 571 -8.98 -29.44 -28.93
N ALA B 572 -8.53 -28.56 -28.04
CA ALA B 572 -9.39 -27.51 -27.43
C ALA B 572 -10.30 -26.82 -28.45
N LEU B 573 -9.77 -26.43 -29.60
CA LEU B 573 -10.57 -25.71 -30.57
C LEU B 573 -11.34 -26.54 -31.59
N ASP B 574 -11.13 -27.87 -31.63
CA ASP B 574 -12.11 -28.78 -32.30
C ASP B 574 -13.43 -28.90 -31.54
N ILE B 575 -13.40 -28.56 -30.25
CA ILE B 575 -14.51 -28.79 -29.34
C ILE B 575 -15.23 -27.46 -29.29
N ASP B 576 -16.51 -27.47 -29.69
CA ASP B 576 -17.33 -26.24 -29.67
C ASP B 576 -17.55 -25.73 -28.22
N PRO B 577 -17.85 -24.41 -28.02
CA PRO B 577 -18.05 -23.85 -26.67
C PRO B 577 -19.01 -24.58 -25.70
N MET B 578 -20.12 -25.13 -26.21
CA MET B 578 -21.09 -25.80 -25.32
C MET B 578 -20.57 -27.14 -24.79
N ASP B 579 -19.76 -27.83 -25.58
CA ASP B 579 -19.18 -29.07 -25.14
C ASP B 579 -18.13 -28.81 -24.03
N HIS B 580 -17.33 -27.77 -24.18
CA HIS B 580 -16.53 -27.24 -23.06
C HIS B 580 -17.41 -27.01 -21.83
N LEU B 581 -18.49 -26.24 -22.01
CA LEU B 581 -19.33 -25.83 -20.86
C LEU B 581 -20.00 -27.02 -20.17
N LEU B 582 -20.45 -27.97 -21.00
CA LEU B 582 -21.11 -29.17 -20.50
C LEU B 582 -20.13 -30.16 -19.86
N MET B 583 -18.91 -30.20 -20.36
CA MET B 583 -17.91 -30.93 -19.61
C MET B 583 -17.66 -30.30 -18.20
N GLN B 584 -17.60 -28.96 -18.11
CA GLN B 584 -17.41 -28.29 -16.81
C GLN B 584 -18.56 -28.64 -15.89
N ASP B 585 -19.78 -28.63 -16.44
CA ASP B 585 -20.96 -28.97 -15.65
C ASP B 585 -20.91 -30.43 -15.11
N ALA B 586 -20.51 -31.36 -15.96
CA ALA B 586 -20.44 -32.79 -15.54
C ALA B 586 -19.48 -33.00 -14.39
N PHE B 587 -18.29 -32.39 -14.45
CA PHE B 587 -17.42 -32.38 -13.28
C PHE B 587 -17.98 -31.65 -12.04
N GLN B 588 -18.55 -30.46 -12.22
CA GLN B 588 -18.89 -29.59 -11.11
C GLN B 588 -19.99 -30.23 -10.24
N ARG B 589 -20.71 -31.16 -10.85
CA ARG B 589 -21.79 -31.85 -10.17
C ARG B 589 -21.27 -32.71 -9.05
N TYR B 590 -19.97 -32.98 -9.06
CA TYR B 590 -19.32 -33.87 -8.08
C TYR B 590 -17.99 -33.31 -7.53
N VAL B 591 -17.93 -31.98 -7.50
CA VAL B 591 -16.85 -31.22 -6.92
C VAL B 591 -17.50 -30.27 -5.89
N ASP B 592 -16.96 -30.27 -4.66
CA ASP B 592 -17.49 -29.41 -3.60
C ASP B 592 -16.95 -27.99 -3.61
N ASN B 593 -15.73 -27.81 -4.11
CA ASN B 593 -15.21 -26.50 -4.47
C ASN B 593 -15.61 -26.14 -5.93
N ASN B 594 -14.77 -25.40 -6.66
CA ASN B 594 -15.13 -25.00 -8.02
C ASN B 594 -14.19 -25.65 -9.02
N ILE B 595 -14.22 -25.15 -10.25
CA ILE B 595 -13.46 -25.72 -11.32
C ILE B 595 -12.79 -24.65 -12.19
N SER B 596 -11.53 -24.89 -12.48
CA SER B 596 -10.82 -24.11 -13.48
C SER B 596 -11.06 -24.73 -14.88
N LYS B 597 -11.83 -24.02 -15.71
CA LYS B 597 -12.15 -24.41 -17.10
C LYS B 597 -12.23 -23.20 -18.02
N THR B 598 -11.44 -23.18 -19.09
CA THR B 598 -11.52 -22.15 -20.12
C THR B 598 -12.60 -22.53 -21.11
N ILE B 599 -13.59 -21.66 -21.34
CA ILE B 599 -14.48 -21.86 -22.48
C ILE B 599 -13.81 -21.26 -23.73
N ASN B 600 -13.04 -22.09 -24.41
CA ASN B 600 -12.46 -21.78 -25.71
C ASN B 600 -13.49 -21.45 -26.78
N MET B 601 -13.33 -20.34 -27.49
CA MET B 601 -14.25 -20.03 -28.59
C MET B 601 -13.50 -19.77 -29.89
N PRO B 602 -14.10 -20.17 -31.04
CA PRO B 602 -13.41 -19.95 -32.31
C PRO B 602 -13.28 -18.45 -32.56
N GLN B 603 -12.33 -18.07 -33.42
CA GLN B 603 -12.05 -16.66 -33.61
C GLN B 603 -13.27 -15.95 -34.23
N SER B 604 -14.02 -16.70 -35.01
CA SER B 604 -15.25 -16.23 -35.62
C SER B 604 -16.45 -16.19 -34.68
N ALA B 605 -16.27 -16.44 -33.38
CA ALA B 605 -17.39 -16.34 -32.46
C ALA B 605 -17.79 -14.86 -32.29
N THR B 606 -19.05 -14.61 -31.91
CA THR B 606 -19.57 -13.27 -31.82
C THR B 606 -19.91 -12.96 -30.37
N VAL B 607 -20.17 -11.69 -30.06
CA VAL B 607 -20.54 -11.25 -28.73
C VAL B 607 -21.81 -11.98 -28.31
N ASP B 608 -22.69 -12.23 -29.28
CA ASP B 608 -23.88 -13.04 -29.02
C ASP B 608 -23.58 -14.52 -28.72
N ASP B 609 -22.58 -15.10 -29.39
CA ASP B 609 -22.08 -16.42 -28.99
C ASP B 609 -21.64 -16.45 -27.50
N VAL B 610 -20.91 -15.43 -27.05
CA VAL B 610 -20.52 -15.27 -25.62
C VAL B 610 -21.74 -15.20 -24.73
N LEU B 611 -22.71 -14.35 -25.06
CA LEU B 611 -23.87 -14.20 -24.21
C LEU B 611 -24.62 -15.52 -24.06
N ASN B 612 -24.69 -16.26 -25.17
CA ASN B 612 -25.31 -17.59 -25.17
C ASN B 612 -24.64 -18.60 -24.23
N VAL B 613 -23.30 -18.57 -24.17
CA VAL B 613 -22.50 -19.35 -23.21
C VAL B 613 -22.89 -18.97 -21.77
N TYR B 614 -22.99 -17.66 -21.50
CA TYR B 614 -23.41 -17.17 -20.20
C TYR B 614 -24.76 -17.65 -19.79
N LEU B 615 -25.74 -17.48 -20.66
CA LEU B 615 -27.11 -17.95 -20.40
C LEU B 615 -27.16 -19.48 -20.17
N GLU B 616 -26.51 -20.26 -21.05
CA GLU B 616 -26.31 -21.67 -20.78
C GLU B 616 -25.59 -21.94 -19.44
N ALA B 617 -24.53 -21.21 -19.14
CA ALA B 617 -23.88 -21.33 -17.82
C ALA B 617 -24.83 -21.18 -16.69
N LEU B 618 -25.79 -20.26 -16.83
CA LEU B 618 -26.71 -19.95 -15.70
C LEU B 618 -27.71 -21.08 -15.51
N ARG B 619 -27.99 -21.82 -16.59
CA ARG B 619 -28.84 -23.03 -16.52
C ARG B 619 -28.13 -24.31 -16.02
N THR B 620 -26.86 -24.51 -16.37
CA THR B 620 -26.06 -25.64 -15.85
C THR B 620 -25.67 -25.50 -14.35
N ASN B 621 -24.77 -26.35 -13.87
CA ASN B 621 -24.31 -26.34 -12.45
C ASN B 621 -22.92 -25.68 -12.16
N VAL B 622 -22.32 -25.10 -13.20
CA VAL B 622 -21.07 -24.34 -13.06
C VAL B 622 -21.16 -23.22 -12.03
N ARG B 623 -20.00 -22.92 -11.46
CA ARG B 623 -19.88 -22.02 -10.33
C ARG B 623 -19.12 -20.78 -10.79
N GLY B 624 -18.65 -20.83 -12.04
CA GLY B 624 -17.97 -19.67 -12.61
C GLY B 624 -17.77 -19.81 -14.09
N ILE B 625 -17.37 -18.72 -14.73
CA ILE B 625 -17.14 -18.73 -16.17
C ILE B 625 -15.84 -18.01 -16.61
N THR B 626 -15.03 -18.73 -17.41
CA THR B 626 -13.91 -18.12 -18.14
C THR B 626 -14.10 -18.42 -19.60
N VAL B 627 -14.01 -17.38 -20.44
CA VAL B 627 -14.05 -17.56 -21.89
C VAL B 627 -12.74 -17.06 -22.50
N TYR B 628 -12.32 -17.72 -23.57
CA TYR B 628 -11.21 -17.22 -24.32
C TYR B 628 -11.49 -17.45 -25.80
N ARG B 629 -11.65 -16.36 -26.53
CA ARG B 629 -11.80 -16.46 -27.95
C ARG B 629 -10.42 -16.44 -28.59
N ASP B 630 -10.15 -17.50 -29.35
CA ASP B 630 -8.94 -17.66 -30.10
C ASP B 630 -8.69 -16.39 -30.90
N GLY B 631 -7.45 -15.90 -30.95
CA GLY B 631 -7.15 -14.66 -31.67
C GLY B 631 -7.35 -13.36 -30.87
N SER B 632 -8.04 -13.43 -29.74
CA SER B 632 -8.25 -12.25 -28.88
C SER B 632 -6.94 -11.62 -28.46
#